data_9D3E
#
_entry.id   9D3E
#
_cell.length_a   1.00
_cell.length_b   1.00
_cell.length_c   1.00
_cell.angle_alpha   90.00
_cell.angle_beta   90.00
_cell.angle_gamma   90.00
#
_symmetry.space_group_name_H-M   'P 1'
#
loop_
_entity.id
_entity.type
_entity.pdbx_description
1 polymer 'Human CCR6'
2 polymer 'anti-BRIL Fab Heavy chain'
3 polymer 'anti-BRIL Fab Nanobody'
4 polymer 'anti-BRIL Fab Light chain'
5 non-polymer CHOLESTEROL
6 non-polymer 4-[[3,4-bis(oxidanylidene)-2-[[(1~{R})-1-(4-propan-2-ylfuran-2-yl)propyl]amino]cyclobuten-1-yl]amino]-~{N},~{N}-dimethyl-3-oxidanyl-pyridine-2-carboxamide
7 non-polymer N-{[(2R)-4-(bicyclo[1.1.1]pentan-1-yl)-5-oxomorpholin-2-yl]methyl}-1-[4-(trifluoromethyl)phenyl]cyclopropane-1-carboxamide
#
loop_
_entity_poly.entity_id
_entity_poly.type
_entity_poly.pdbx_seq_one_letter_code
_entity_poly.pdbx_strand_id
1 'polypeptide(L)'
;MKTIIALSYIFCLVFADYKDDDDAKLQTMHHHHHHHHHHENLYFQGGTSVDSEMLLCSLQEVRQFSRAFVPIAYSLICVF
GLLGNILVVITFAFYKKARSMTDVYLANMAIADILFALTLPFWAVSHATGAWVFSNATCKLLKGIYAINFNCGMWLLTCI
AMDRYIAIVQATKSFRLRSATLPRSKIICLVVWGLSVIISSSTFVFNQKYNTQGSDVCEPKYQTVSEPIRWKLLMLGLEL
LFGFFIPLMFMIFCYTAIVKTLRRQLADLEDNWETLNDNLKVIEKADNAAQVKDALTKMRAAALDAQKATPPKLEDKSPD
SPEMKDFRHGFDILVGQIDDALKLANEGKVKEAQAAAEQLKTTRNAYIQKYLERARSTLQKEVKAIRVIIAVVLVFLACQ
IPHNMVLLVTAANLGKMNRSCQSEKLIAYTKTVTEVLAFLHCCLNPVLYAFIGQKFRNYFLKILKDLWCVRRKYKSSGFS
;
A
2 'polypeptide(L)'
;MGWSCIILFLVATATGVHSEISEVQLVESGGGLVQPGGSLRLSCAASGFNVVDFSLHWVRQAPGKGLEWVAYISSSSGST
SYADSVKGRFTISADTSKNTAYLQMNSLRAEDTAVYYCARWGYWPGEPWWKAFDYWGQGTLVTVSSASTKGPSVFPLAPS
SKSTSGGTAALGCLVKDYFPEPVTVSWNSGALTSGVHTFPAVLQSSGLYSLSSVVTVPSSSLGTQTYICNVNHKPSNTKV
DKKVEPKSGGSENLYFQGSHHHHHHHHHH
;
H
3 'polypeptide(L)'
;MGHHHHHHHHHHENLYFQGSQVQLQESGGGLVQPGGSLRLSCAASGRTISRYAMSWFRQAPGKEREFVAVARRSGDGAFY
ADSVQGRFTVSRDDAKNTVYLQMNSLKPEDTAVYYCAIDSDTFYSGSYDYWGQGTQVTVSS
;
K
4 'polypeptide(L)'
;MGWSCIILFLVATATGVHSSDIQMTQSPSSLSASVGDRVTITCRASQSVSSAVAWYQQKPGKAPKLLIYSASSLYSGVPS
RFSGSRSGTDFTLTISSLQPEDFATYYCQQYLYYSLVTFGQGTKVEIKRTVAAPSVFIFPPSDSQLKSGTASVVCLLNNF
YPREAKVQWKVDNALQSGNSQESVTEQDSKDSTYSLSSTLTLSKADYEKHKVYACEVTHQGLSSPVTKSFNRG
;
L
#
loop_
_chem_comp.id
_chem_comp.type
_chem_comp.name
_chem_comp.formula
A1A1W non-polymer N-{[(2R)-4-(bicyclo[1.1.1]pentan-1-yl)-5-oxomorpholin-2-yl]methyl}-1-[4-(trifluoromethyl)phenyl]cyclopropane-1-carboxamide 'C21 H23 F3 N2 O3'
CLR non-polymer CHOLESTEROL 'C27 H46 O'
EBX non-polymer 4-[[3,4-bis(oxidanylidene)-2-[[(1~{R})-1-(4-propan-2-ylfuran-2-yl)propyl]amino]cyclobuten-1-yl]amino]-~{N},~{N}-dimethyl-3-oxidanyl-pyridine-2-carboxamide 'C22 H26 N4 O5'
#
# COMPACT_ATOMS: atom_id res chain seq x y z
N ARG A 63 4.05 -20.22 -59.75
CA ARG A 63 5.31 -19.57 -60.14
C ARG A 63 5.13 -18.84 -61.47
N GLN A 64 5.38 -19.56 -62.57
CA GLN A 64 5.17 -18.98 -63.89
C GLN A 64 3.68 -18.80 -64.18
N PHE A 65 2.85 -19.70 -63.65
CA PHE A 65 1.40 -19.52 -63.76
C PHE A 65 0.94 -18.36 -62.88
N SER A 66 1.58 -18.19 -61.72
CA SER A 66 1.17 -17.15 -60.78
C SER A 66 1.49 -15.76 -61.32
N ARG A 67 2.42 -15.66 -62.26
CA ARG A 67 2.68 -14.39 -62.93
C ARG A 67 1.49 -13.96 -63.81
N ALA A 68 0.65 -14.90 -64.22
CA ALA A 68 -0.49 -14.58 -65.09
C ALA A 68 -1.69 -14.00 -64.35
N PHE A 69 -1.96 -14.42 -63.11
CA PHE A 69 -3.17 -13.93 -62.46
C PHE A 69 -2.99 -12.59 -61.76
N VAL A 70 -1.79 -12.29 -61.26
CA VAL A 70 -1.57 -11.04 -60.53
C VAL A 70 -1.68 -9.72 -61.31
N PRO A 71 -1.44 -9.59 -62.64
CA PRO A 71 -1.76 -8.28 -63.24
C PRO A 71 -3.25 -8.05 -63.42
N ILE A 72 -4.05 -9.10 -63.48
CA ILE A 72 -5.51 -8.92 -63.41
C ILE A 72 -5.91 -8.50 -62.01
N ALA A 73 -5.29 -9.10 -60.99
CA ALA A 73 -5.65 -8.80 -59.60
C ALA A 73 -5.15 -7.42 -59.19
N TYR A 74 -3.94 -7.04 -59.62
CA TYR A 74 -3.38 -5.76 -59.20
C TYR A 74 -4.08 -4.60 -59.89
N SER A 75 -4.53 -4.79 -61.12
CA SER A 75 -5.31 -3.77 -61.80
C SER A 75 -6.68 -3.61 -61.16
N LEU A 76 -7.29 -4.72 -60.74
CA LEU A 76 -8.54 -4.64 -59.99
C LEU A 76 -8.33 -4.04 -58.61
N ILE A 77 -7.16 -4.29 -58.01
CA ILE A 77 -6.77 -3.58 -56.80
C ILE A 77 -6.57 -2.09 -57.09
N CYS A 78 -6.03 -1.78 -58.28
CA CYS A 78 -5.70 -0.40 -58.64
C CYS A 78 -6.95 0.46 -58.82
N VAL A 79 -7.93 -0.03 -59.59
CA VAL A 79 -9.09 0.81 -59.90
C VAL A 79 -10.02 0.94 -58.69
N PHE A 80 -10.14 -0.11 -57.87
CA PHE A 80 -10.95 -0.01 -56.66
C PHE A 80 -10.20 0.73 -55.55
N GLY A 81 -8.89 0.55 -55.47
CA GLY A 81 -8.11 1.25 -54.46
C GLY A 81 -7.94 2.73 -54.76
N LEU A 82 -7.86 3.09 -56.04
CA LEU A 82 -7.86 4.52 -56.40
C LEU A 82 -9.19 5.16 -56.06
N LEU A 83 -10.30 4.52 -56.47
CA LEU A 83 -11.63 5.10 -56.28
C LEU A 83 -12.08 5.04 -54.83
N GLY A 84 -11.56 4.08 -54.06
CA GLY A 84 -12.00 3.92 -52.68
C GLY A 84 -11.55 5.06 -51.78
N ASN A 85 -10.33 5.56 -51.98
CA ASN A 85 -9.76 6.54 -51.06
C ASN A 85 -9.92 7.99 -51.54
N ILE A 86 -10.28 8.24 -52.79
CA ILE A 86 -10.60 9.62 -53.16
C ILE A 86 -11.94 10.01 -52.58
N LEU A 87 -12.85 9.05 -52.45
CA LEU A 87 -14.13 9.31 -51.82
C LEU A 87 -13.97 9.61 -50.34
N VAL A 88 -12.94 9.02 -49.71
CA VAL A 88 -12.62 9.38 -48.33
C VAL A 88 -12.05 10.80 -48.27
N VAL A 89 -11.15 11.14 -49.19
CA VAL A 89 -10.52 12.46 -49.15
C VAL A 89 -11.42 13.55 -49.72
N ILE A 90 -12.45 13.19 -50.49
CA ILE A 90 -13.43 14.20 -50.89
C ILE A 90 -14.52 14.34 -49.82
N THR A 91 -14.68 13.35 -48.95
CA THR A 91 -15.47 13.55 -47.74
C THR A 91 -14.70 14.40 -46.73
N PHE A 92 -13.37 14.33 -46.77
CA PHE A 92 -12.53 15.15 -45.89
C PHE A 92 -12.53 16.62 -46.28
N ALA A 93 -12.87 16.94 -47.54
CA ALA A 93 -12.91 18.32 -48.00
C ALA A 93 -14.30 18.92 -47.96
N PHE A 94 -15.34 18.09 -47.83
CA PHE A 94 -16.71 18.60 -47.77
C PHE A 94 -17.21 18.77 -46.34
N TYR A 95 -16.59 18.10 -45.38
CA TYR A 95 -17.01 18.09 -43.98
C TYR A 95 -15.83 18.39 -43.07
N LYS A 96 -15.11 19.48 -43.38
CA LYS A 96 -13.91 19.85 -42.61
C LYS A 96 -14.23 20.30 -41.19
N LYS A 97 -15.48 20.62 -40.89
CA LYS A 97 -15.86 20.97 -39.51
C LYS A 97 -15.79 19.75 -38.61
N ALA A 98 -16.20 18.59 -39.12
CA ALA A 98 -16.24 17.39 -38.28
C ALA A 98 -15.03 16.46 -38.41
N ARG A 99 -13.97 16.91 -39.07
CA ARG A 99 -12.77 16.09 -39.17
C ARG A 99 -12.15 15.94 -37.79
N SER A 100 -11.39 14.87 -37.56
CA SER A 100 -10.81 14.63 -36.24
C SER A 100 -9.35 14.22 -36.31
N MET A 101 -8.71 14.17 -35.14
CA MET A 101 -7.34 13.75 -35.08
C MET A 101 -7.21 12.42 -35.77
N THR A 102 -7.95 11.44 -35.28
CA THR A 102 -7.87 10.11 -35.85
C THR A 102 -8.20 10.21 -37.32
N ASP A 103 -9.23 10.99 -37.65
CA ASP A 103 -9.64 11.15 -39.04
C ASP A 103 -8.49 11.67 -39.89
N VAL A 104 -7.82 12.72 -39.42
CA VAL A 104 -6.75 13.31 -40.20
C VAL A 104 -5.66 12.27 -40.44
N TYR A 105 -5.24 11.56 -39.39
CA TYR A 105 -4.28 10.49 -39.59
C TYR A 105 -4.83 9.42 -40.52
N LEU A 106 -6.13 9.11 -40.41
CA LEU A 106 -6.72 8.15 -41.33
C LEU A 106 -6.82 8.72 -42.76
N ALA A 107 -7.01 10.03 -42.90
CA ALA A 107 -7.00 10.65 -44.22
C ALA A 107 -5.60 10.65 -44.83
N ASN A 108 -4.57 10.81 -43.99
CA ASN A 108 -3.19 10.69 -44.49
C ASN A 108 -2.87 9.26 -44.91
N MET A 109 -3.41 8.27 -44.18
CA MET A 109 -3.29 6.89 -44.64
C MET A 109 -4.01 6.68 -45.97
N ALA A 110 -5.15 7.36 -46.15
CA ALA A 110 -5.87 7.29 -47.42
C ALA A 110 -5.10 7.92 -48.58
N ILE A 111 -4.43 9.05 -48.33
CA ILE A 111 -3.68 9.68 -49.41
C ILE A 111 -2.41 8.87 -49.74
N ALA A 112 -1.83 8.21 -48.74
CA ALA A 112 -0.76 7.25 -49.02
C ALA A 112 -1.28 6.07 -49.82
N ASP A 113 -2.52 5.65 -49.56
CA ASP A 113 -3.12 4.56 -50.32
C ASP A 113 -3.38 4.95 -51.77
N ILE A 114 -3.81 6.18 -52.04
CA ILE A 114 -4.00 6.51 -53.46
C ILE A 114 -2.66 6.80 -54.13
N LEU A 115 -1.62 7.21 -53.39
CA LEU A 115 -0.28 7.26 -53.97
C LEU A 115 0.20 5.87 -54.39
N PHE A 116 -0.06 4.87 -53.54
CA PHE A 116 0.19 3.49 -53.92
C PHE A 116 -0.71 3.04 -55.07
N ALA A 117 -1.91 3.61 -55.17
CA ALA A 117 -2.79 3.29 -56.29
C ALA A 117 -2.24 3.84 -57.61
N LEU A 118 -1.61 5.02 -57.58
CA LEU A 118 -0.91 5.48 -58.77
C LEU A 118 0.31 4.63 -59.08
N THR A 119 1.01 4.12 -58.06
CA THR A 119 2.18 3.32 -58.38
C THR A 119 1.84 1.88 -58.78
N LEU A 120 0.61 1.42 -58.53
CA LEU A 120 0.22 0.05 -58.91
C LEU A 120 0.25 -0.29 -60.42
N PRO A 121 -0.18 0.55 -61.37
CA PRO A 121 -0.10 0.12 -62.78
C PRO A 121 1.30 -0.14 -63.32
N PHE A 122 2.33 0.48 -62.74
CA PHE A 122 3.70 0.14 -63.11
C PHE A 122 4.04 -1.30 -62.72
N TRP A 123 3.61 -1.71 -61.51
CA TRP A 123 3.73 -3.10 -61.11
C TRP A 123 2.89 -4.02 -61.99
N ALA A 124 1.73 -3.54 -62.45
CA ALA A 124 0.86 -4.35 -63.31
C ALA A 124 1.52 -4.63 -64.65
N VAL A 125 2.12 -3.61 -65.28
CA VAL A 125 2.82 -3.82 -66.55
C VAL A 125 4.09 -4.65 -66.34
N SER A 126 4.80 -4.42 -65.22
CA SER A 126 6.02 -5.18 -64.96
C SER A 126 5.75 -6.65 -64.67
N HIS A 127 4.57 -6.97 -64.13
CA HIS A 127 4.17 -8.36 -63.97
C HIS A 127 3.54 -8.95 -65.22
N ALA A 128 2.92 -8.12 -66.06
CA ALA A 128 2.32 -8.62 -67.30
C ALA A 128 3.39 -8.96 -68.32
N THR A 129 4.46 -8.17 -68.39
CA THR A 129 5.53 -8.46 -69.34
C THR A 129 6.39 -9.65 -68.90
N GLY A 130 6.38 -10.00 -67.61
CA GLY A 130 7.18 -11.08 -67.10
C GLY A 130 8.59 -10.70 -66.71
N ALA A 131 9.03 -9.49 -67.03
CA ALA A 131 10.36 -9.01 -66.66
C ALA A 131 10.31 -7.49 -66.56
N TRP A 132 11.29 -6.94 -65.88
CA TRP A 132 11.33 -5.50 -65.65
C TRP A 132 11.76 -4.78 -66.93
N VAL A 133 10.99 -3.77 -67.32
CA VAL A 133 11.20 -3.04 -68.56
C VAL A 133 11.85 -1.69 -68.31
N PHE A 134 11.40 -0.98 -67.27
CA PHE A 134 11.84 0.39 -67.04
C PHE A 134 13.20 0.40 -66.33
N SER A 135 13.66 1.59 -65.99
CA SER A 135 15.00 1.78 -65.44
C SER A 135 15.04 1.43 -63.95
N ASN A 136 16.25 1.52 -63.38
CA ASN A 136 16.43 1.22 -61.97
C ASN A 136 15.88 2.33 -61.09
N ALA A 137 15.89 3.58 -61.59
CA ALA A 137 15.33 4.70 -60.86
C ALA A 137 13.84 4.51 -60.62
N THR A 138 13.14 3.99 -61.63
CA THR A 138 11.73 3.66 -61.49
C THR A 138 11.51 2.57 -60.45
N CYS A 139 12.37 1.53 -60.44
CA CYS A 139 12.16 0.42 -59.53
C CYS A 139 12.39 0.82 -58.08
N LYS A 140 13.48 1.55 -57.80
CA LYS A 140 13.64 1.97 -56.41
C LYS A 140 12.67 3.09 -56.03
N LEU A 141 12.13 3.83 -57.00
CA LEU A 141 11.02 4.73 -56.70
C LEU A 141 9.77 3.96 -56.29
N LEU A 142 9.46 2.87 -56.99
CA LEU A 142 8.30 2.05 -56.65
C LEU A 142 8.46 1.40 -55.27
N LYS A 143 9.64 0.84 -55.00
CA LYS A 143 9.86 0.19 -53.71
C LYS A 143 9.91 1.20 -52.57
N GLY A 144 10.46 2.39 -52.81
CA GLY A 144 10.41 3.44 -51.82
C GLY A 144 9.01 3.96 -51.56
N ILE A 145 8.16 3.97 -52.60
CA ILE A 145 6.77 4.38 -52.42
C ILE A 145 6.01 3.35 -51.59
N TYR A 146 6.25 2.06 -51.86
CA TYR A 146 5.63 1.01 -51.04
C TYR A 146 6.12 1.05 -49.59
N ALA A 147 7.42 1.29 -49.39
CA ALA A 147 7.96 1.34 -48.05
C ALA A 147 7.50 2.58 -47.30
N ILE A 148 7.34 3.71 -48.00
CA ILE A 148 6.83 4.91 -47.35
C ILE A 148 5.35 4.75 -47.05
N ASN A 149 4.62 3.94 -47.84
CA ASN A 149 3.23 3.63 -47.53
C ASN A 149 3.12 2.79 -46.26
N PHE A 150 3.96 1.76 -46.15
CA PHE A 150 3.96 0.91 -44.96
C PHE A 150 4.38 1.68 -43.71
N ASN A 151 5.44 2.48 -43.81
CA ASN A 151 5.93 3.22 -42.65
C ASN A 151 4.97 4.33 -42.25
N CYS A 152 4.33 4.97 -43.24
CA CYS A 152 3.31 5.97 -42.96
C CYS A 152 2.12 5.34 -42.25
N GLY A 153 1.66 4.17 -42.71
CA GLY A 153 0.56 3.50 -42.03
C GLY A 153 0.89 3.10 -40.61
N MET A 154 2.10 2.56 -40.39
CA MET A 154 2.53 2.14 -39.07
C MET A 154 2.63 3.32 -38.09
N TRP A 155 3.27 4.42 -38.52
CA TRP A 155 3.45 5.53 -37.60
C TRP A 155 2.18 6.38 -37.45
N LEU A 156 1.28 6.37 -38.44
CA LEU A 156 0.01 7.06 -38.24
C LEU A 156 -0.89 6.28 -37.31
N LEU A 157 -0.84 4.94 -37.35
CA LEU A 157 -1.56 4.16 -36.34
C LEU A 157 -0.93 4.32 -34.96
N THR A 158 0.40 4.54 -34.92
CA THR A 158 1.07 4.89 -33.66
C THR A 158 0.55 6.21 -33.09
N CYS A 159 0.41 7.23 -33.95
CA CYS A 159 -0.13 8.52 -33.53
C CYS A 159 -1.58 8.41 -33.08
N ILE A 160 -2.37 7.59 -33.77
CA ILE A 160 -3.76 7.35 -33.38
C ILE A 160 -3.84 6.68 -32.01
N ALA A 161 -2.97 5.69 -31.76
CA ALA A 161 -2.94 5.00 -30.46
C ALA A 161 -2.55 5.95 -29.34
N MET A 162 -1.54 6.80 -29.57
CA MET A 162 -1.14 7.78 -28.57
C MET A 162 -2.24 8.79 -28.29
N ASP A 163 -2.90 9.27 -29.35
CA ASP A 163 -3.97 10.26 -29.20
C ASP A 163 -5.17 9.69 -28.46
N ARG A 164 -5.55 8.44 -28.76
CA ARG A 164 -6.70 7.85 -28.08
C ARG A 164 -6.38 7.46 -26.64
N TYR A 165 -5.14 7.07 -26.35
CA TYR A 165 -4.74 6.84 -24.97
C TYR A 165 -4.79 8.14 -24.17
N ILE A 166 -4.22 9.22 -24.70
CA ILE A 166 -4.22 10.49 -24.00
C ILE A 166 -5.60 11.16 -23.98
N ALA A 167 -6.52 10.70 -24.83
CA ALA A 167 -7.88 11.23 -24.80
C ALA A 167 -8.81 10.45 -23.88
N ILE A 168 -8.59 9.15 -23.70
CA ILE A 168 -9.50 8.33 -22.89
C ILE A 168 -8.98 8.16 -21.47
N VAL A 169 -7.72 7.75 -21.30
CA VAL A 169 -7.22 7.46 -19.96
C VAL A 169 -7.01 8.74 -19.15
N GLN A 170 -6.53 9.80 -19.80
CA GLN A 170 -6.38 11.09 -19.12
C GLN A 170 -7.73 11.79 -19.00
N LYS A 186 -1.33 19.10 -39.92
CA LYS A 186 -0.45 20.13 -40.48
C LYS A 186 0.99 19.93 -40.03
N ILE A 187 1.31 20.44 -38.83
CA ILE A 187 2.68 20.35 -38.34
C ILE A 187 2.97 18.94 -37.82
N ILE A 188 1.92 18.19 -37.47
CA ILE A 188 2.10 16.79 -37.13
C ILE A 188 2.25 15.96 -38.39
N CYS A 189 1.44 16.26 -39.42
CA CYS A 189 1.34 15.41 -40.61
C CYS A 189 2.63 15.44 -41.42
N LEU A 190 3.34 16.56 -41.41
CA LEU A 190 4.63 16.63 -42.11
C LEU A 190 5.68 15.80 -41.39
N VAL A 191 5.57 15.70 -40.06
CA VAL A 191 6.54 14.95 -39.27
C VAL A 191 6.41 13.45 -39.53
N VAL A 192 5.17 12.94 -39.52
CA VAL A 192 4.95 11.51 -39.74
C VAL A 192 5.26 11.12 -41.19
N TRP A 193 4.93 12.00 -42.13
CA TRP A 193 5.33 11.76 -43.52
C TRP A 193 6.84 11.92 -43.69
N GLY A 194 7.44 12.90 -43.00
CA GLY A 194 8.88 13.10 -43.11
C GLY A 194 9.69 12.00 -42.46
N LEU A 195 9.20 11.46 -41.34
CA LEU A 195 9.92 10.39 -40.65
C LEU A 195 9.84 9.09 -41.44
N SER A 196 8.83 8.95 -42.29
CA SER A 196 8.70 7.73 -43.08
C SER A 196 9.70 7.69 -44.23
N VAL A 197 10.21 8.85 -44.66
CA VAL A 197 11.25 8.87 -45.68
C VAL A 197 12.56 8.34 -45.13
N ILE A 198 12.79 8.56 -43.82
CA ILE A 198 14.05 8.16 -43.20
C ILE A 198 14.15 6.64 -43.10
N ILE A 199 13.07 5.98 -42.68
CA ILE A 199 13.13 4.53 -42.51
C ILE A 199 13.03 3.83 -43.85
N SER A 200 12.42 4.46 -44.86
CA SER A 200 12.34 3.87 -46.18
C SER A 200 13.58 4.15 -47.03
N SER A 201 14.56 4.89 -46.49
CA SER A 201 15.80 5.12 -47.22
C SER A 201 16.66 3.86 -47.32
N SER A 202 16.45 2.89 -46.44
CA SER A 202 17.11 1.59 -46.59
C SER A 202 16.60 0.84 -47.81
N THR A 203 15.32 1.03 -48.17
CA THR A 203 14.77 0.41 -49.37
C THR A 203 15.35 1.01 -50.63
N PHE A 204 15.78 2.28 -50.57
CA PHE A 204 16.26 2.97 -51.77
C PHE A 204 17.64 2.47 -52.21
N VAL A 205 18.40 1.86 -51.30
CA VAL A 205 19.78 1.48 -51.61
C VAL A 205 19.91 -0.04 -51.65
N PHE A 206 19.01 -0.75 -50.96
CA PHE A 206 19.10 -2.21 -50.93
C PHE A 206 18.52 -2.88 -52.17
N ASN A 207 17.77 -2.14 -52.97
CA ASN A 207 17.04 -2.72 -54.10
C ASN A 207 17.77 -2.41 -55.40
N GLN A 208 17.98 -3.44 -56.21
CA GLN A 208 18.66 -3.30 -57.50
C GLN A 208 18.18 -4.42 -58.41
N LYS A 209 18.07 -4.12 -59.71
CA LYS A 209 17.62 -5.12 -60.68
C LYS A 209 18.72 -6.14 -60.90
N TYR A 210 18.47 -7.39 -60.50
CA TYR A 210 19.39 -8.48 -60.74
C TYR A 210 18.92 -9.27 -61.96
N ASN A 211 19.84 -9.53 -62.88
CA ASN A 211 19.58 -10.37 -64.04
C ASN A 211 20.22 -11.72 -63.76
N THR A 212 19.49 -12.55 -63.01
CA THR A 212 19.97 -13.85 -62.59
C THR A 212 18.98 -14.93 -63.02
N GLN A 213 19.53 -16.12 -63.31
CA GLN A 213 18.79 -17.32 -63.71
C GLN A 213 17.91 -17.08 -64.94
N GLY A 214 18.41 -16.24 -65.85
CA GLY A 214 17.67 -15.89 -67.05
C GLY A 214 16.52 -14.92 -66.83
N SER A 215 16.43 -14.31 -65.65
CA SER A 215 15.35 -13.38 -65.34
C SER A 215 15.93 -12.08 -64.81
N ASP A 216 15.47 -10.96 -65.36
CA ASP A 216 15.88 -9.63 -64.90
C ASP A 216 14.77 -9.11 -64.01
N VAL A 217 14.89 -9.35 -62.71
CA VAL A 217 13.87 -8.99 -61.74
C VAL A 217 14.50 -8.07 -60.70
N CYS A 218 13.66 -7.22 -60.12
CA CYS A 218 14.12 -6.17 -59.21
C CYS A 218 13.73 -6.56 -57.79
N GLU A 219 14.67 -7.18 -57.08
CA GLU A 219 14.52 -7.66 -55.72
C GLU A 219 15.67 -7.16 -54.86
N PRO A 220 15.45 -6.93 -53.56
CA PRO A 220 16.55 -6.50 -52.70
C PRO A 220 17.53 -7.64 -52.43
N LYS A 221 18.78 -7.25 -52.16
CA LYS A 221 19.84 -8.22 -51.90
C LYS A 221 20.95 -7.54 -51.10
N TYR A 222 21.35 -8.16 -50.01
CA TYR A 222 22.50 -7.69 -49.24
C TYR A 222 23.21 -8.86 -48.56
N ARG A 230 28.48 -3.98 -43.84
CA ARG A 230 28.05 -4.30 -42.48
C ARG A 230 27.35 -3.09 -41.85
N TRP A 231 27.79 -1.89 -42.22
CA TRP A 231 27.18 -0.67 -41.70
C TRP A 231 25.77 -0.47 -42.24
N LYS A 232 25.52 -0.89 -43.48
CA LYS A 232 24.17 -0.82 -44.05
C LYS A 232 23.22 -1.79 -43.34
N LEU A 233 23.72 -2.99 -43.01
CA LEU A 233 22.90 -3.94 -42.26
C LEU A 233 22.63 -3.46 -40.85
N LEU A 234 23.61 -2.80 -40.23
CA LEU A 234 23.41 -2.21 -38.90
C LEU A 234 22.39 -1.09 -38.93
N MET A 235 22.45 -0.24 -39.97
CA MET A 235 21.47 0.83 -40.14
C MET A 235 20.07 0.26 -40.37
N LEU A 236 19.97 -0.79 -41.19
CA LEU A 236 18.69 -1.44 -41.44
C LEU A 236 18.12 -2.07 -40.17
N GLY A 237 18.97 -2.73 -39.38
CA GLY A 237 18.51 -3.33 -38.13
C GLY A 237 18.09 -2.31 -37.10
N LEU A 238 18.84 -1.22 -36.96
CA LEU A 238 18.49 -0.17 -36.02
C LEU A 238 17.19 0.54 -36.43
N GLU A 239 17.03 0.81 -37.72
CA GLU A 239 15.79 1.44 -38.20
C GLU A 239 14.61 0.50 -38.08
N LEU A 240 14.83 -0.80 -38.32
CA LEU A 240 13.78 -1.81 -38.17
C LEU A 240 13.31 -1.89 -36.72
N LEU A 241 14.26 -1.94 -35.78
CA LEU A 241 13.91 -1.99 -34.36
C LEU A 241 13.17 -0.72 -33.93
N PHE A 242 13.73 0.45 -34.24
CA PHE A 242 13.17 1.72 -33.78
C PHE A 242 11.82 2.02 -34.44
N GLY A 243 11.61 1.60 -35.67
CA GLY A 243 10.36 1.89 -36.35
C GLY A 243 9.32 0.79 -36.29
N PHE A 244 9.68 -0.39 -35.81
CA PHE A 244 8.70 -1.47 -35.75
C PHE A 244 8.45 -2.01 -34.36
N PHE A 245 9.52 -2.30 -33.59
CA PHE A 245 9.32 -2.99 -32.32
C PHE A 245 8.74 -2.07 -31.26
N ILE A 246 9.23 -0.84 -31.18
CA ILE A 246 8.66 0.13 -30.23
C ILE A 246 7.20 0.49 -30.55
N PRO A 247 6.80 0.79 -31.80
CA PRO A 247 5.37 1.04 -32.03
C PRO A 247 4.46 -0.18 -31.86
N LEU A 248 4.95 -1.40 -32.09
CA LEU A 248 4.09 -2.57 -31.94
C LEU A 248 3.79 -2.86 -30.48
N MET A 249 4.82 -2.81 -29.62
CA MET A 249 4.58 -2.94 -28.18
C MET A 249 3.80 -1.75 -27.63
N PHE A 250 4.00 -0.56 -28.21
CA PHE A 250 3.27 0.63 -27.79
C PHE A 250 1.78 0.46 -28.11
N MET A 251 1.46 -0.09 -29.29
CA MET A 251 0.08 -0.37 -29.66
C MET A 251 -0.54 -1.46 -28.78
N ILE A 252 0.18 -2.57 -28.57
CA ILE A 252 -0.42 -3.69 -27.86
C ILE A 252 -0.54 -3.37 -26.36
N PHE A 253 0.23 -2.39 -25.87
CA PHE A 253 -0.02 -1.86 -24.53
C PHE A 253 -1.23 -0.93 -24.52
N CYS A 254 -1.24 0.06 -25.43
CA CYS A 254 -2.20 1.15 -25.34
C CYS A 254 -3.62 0.71 -25.68
N TYR A 255 -3.79 -0.08 -26.75
CA TYR A 255 -5.14 -0.50 -27.14
C TYR A 255 -5.74 -1.48 -26.15
N THR A 256 -4.91 -2.33 -25.55
CA THR A 256 -5.38 -3.19 -24.47
C THR A 256 -5.77 -2.38 -23.24
N ALA A 257 -5.02 -1.31 -22.96
CA ALA A 257 -5.39 -0.42 -21.86
C ALA A 257 -6.73 0.27 -22.12
N ILE A 258 -6.95 0.71 -23.37
CA ILE A 258 -8.21 1.35 -23.74
C ILE A 258 -9.37 0.38 -23.62
N VAL A 259 -9.19 -0.85 -24.11
CA VAL A 259 -10.25 -1.86 -24.06
C VAL A 259 -10.57 -2.25 -22.61
N LYS A 260 -9.53 -2.46 -21.79
CA LYS A 260 -9.72 -2.82 -20.39
C LYS A 260 -10.39 -1.70 -19.60
N THR A 261 -10.00 -0.45 -19.87
CA THR A 261 -10.60 0.70 -19.20
C THR A 261 -12.07 0.85 -19.56
N LEU A 262 -12.40 0.69 -20.85
CA LEU A 262 -13.80 0.83 -21.29
C LEU A 262 -14.67 -0.29 -20.74
N ARG A 263 -14.17 -1.54 -20.78
CA ARG A 263 -14.94 -2.66 -20.26
C ARG A 263 -15.10 -2.58 -18.74
N ARG A 264 -14.07 -2.14 -18.02
CA ARG A 264 -14.22 -2.03 -16.57
C ARG A 264 -15.10 -0.83 -16.19
N GLN A 265 -15.16 0.21 -17.03
CA GLN A 265 -16.07 1.32 -16.78
C GLN A 265 -17.52 0.88 -16.95
N LEU A 266 -17.80 0.13 -18.02
CA LEU A 266 -19.14 -0.44 -18.21
C LEU A 266 -19.50 -1.43 -17.11
N ALA A 267 -18.53 -2.24 -16.67
CA ALA A 267 -18.77 -3.20 -15.60
C ALA A 267 -19.06 -2.51 -14.27
N ASP A 268 -18.33 -1.44 -13.96
CA ASP A 268 -18.58 -0.67 -12.75
C ASP A 268 -19.94 0.01 -12.81
N LEU A 269 -20.29 0.58 -13.97
CA LEU A 269 -21.60 1.24 -14.13
C LEU A 269 -22.75 0.24 -13.94
N GLU A 270 -22.67 -0.91 -14.61
CA GLU A 270 -23.72 -1.91 -14.48
C GLU A 270 -23.76 -2.58 -13.11
N ASP A 271 -22.61 -2.72 -12.44
CA ASP A 271 -22.59 -3.29 -11.10
C ASP A 271 -23.23 -2.35 -10.09
N ASN A 272 -22.98 -1.03 -10.22
CA ASN A 272 -23.63 -0.07 -9.35
C ASN A 272 -25.15 -0.05 -9.55
N TRP A 273 -25.59 -0.11 -10.82
CA TRP A 273 -27.03 -0.14 -11.09
C TRP A 273 -27.68 -1.42 -10.58
N GLU A 274 -27.02 -2.56 -10.75
CA GLU A 274 -27.56 -3.83 -10.28
C GLU A 274 -27.59 -3.91 -8.76
N THR A 275 -26.59 -3.32 -8.09
CA THR A 275 -26.63 -3.19 -6.64
C THR A 275 -27.80 -2.34 -6.18
N LEU A 276 -28.01 -1.19 -6.83
CA LEU A 276 -29.10 -0.28 -6.46
C LEU A 276 -30.48 -0.90 -6.68
N ASN A 277 -30.62 -1.79 -7.66
CA ASN A 277 -31.91 -2.44 -7.83
C ASN A 277 -32.10 -3.67 -6.95
N ASP A 278 -31.07 -4.52 -6.83
CA ASP A 278 -31.19 -5.76 -6.08
C ASP A 278 -31.35 -5.51 -4.59
N ASN A 279 -30.60 -4.56 -4.03
CA ASN A 279 -30.76 -4.28 -2.61
C ASN A 279 -32.05 -3.54 -2.32
N LEU A 280 -32.59 -2.79 -3.29
CA LEU A 280 -33.94 -2.23 -3.15
C LEU A 280 -34.99 -3.33 -3.07
N LYS A 281 -34.86 -4.37 -3.90
CA LYS A 281 -35.77 -5.52 -3.77
C LYS A 281 -35.59 -6.25 -2.44
N VAL A 282 -34.35 -6.32 -1.94
CA VAL A 282 -34.08 -6.95 -0.64
C VAL A 282 -34.75 -6.16 0.49
N ILE A 283 -34.67 -4.83 0.45
CA ILE A 283 -35.33 -3.98 1.43
C ILE A 283 -36.85 -4.13 1.34
N GLU A 284 -37.37 -4.23 0.11
CA GLU A 284 -38.82 -4.37 -0.07
C GLU A 284 -39.35 -5.71 0.46
N LYS A 285 -38.59 -6.80 0.31
CA LYS A 285 -39.03 -8.09 0.80
C LYS A 285 -38.47 -8.45 2.18
N ALA A 286 -37.75 -7.53 2.82
CA ALA A 286 -37.18 -7.80 4.13
C ALA A 286 -38.24 -7.77 5.22
N ASP A 287 -37.89 -8.34 6.37
CA ASP A 287 -38.83 -8.47 7.49
C ASP A 287 -38.22 -7.98 8.80
N ASN A 288 -36.90 -8.10 8.93
CA ASN A 288 -36.19 -7.78 10.16
C ASN A 288 -35.21 -6.67 9.82
N ALA A 289 -35.02 -5.72 10.75
CA ALA A 289 -34.21 -4.53 10.52
C ALA A 289 -32.73 -4.81 10.34
N ALA A 290 -32.26 -6.03 10.61
CA ALA A 290 -30.85 -6.34 10.41
C ALA A 290 -30.50 -6.40 8.91
N GLN A 291 -31.41 -6.92 8.09
CA GLN A 291 -31.12 -6.97 6.66
C GLN A 291 -31.52 -5.66 5.96
N VAL A 292 -32.43 -4.89 6.55
CA VAL A 292 -32.74 -3.56 6.00
C VAL A 292 -31.55 -2.63 6.17
N LYS A 293 -30.92 -2.66 7.35
CA LYS A 293 -29.76 -1.81 7.61
C LYS A 293 -28.53 -2.29 6.84
N ASP A 294 -28.44 -3.59 6.58
CA ASP A 294 -27.29 -4.11 5.84
C ASP A 294 -27.41 -3.85 4.34
N ALA A 295 -28.63 -3.84 3.81
CA ALA A 295 -28.81 -3.58 2.38
C ALA A 295 -28.66 -2.11 2.06
N LEU A 296 -29.05 -1.22 2.98
CA LEU A 296 -28.85 0.20 2.77
C LEU A 296 -27.38 0.57 2.85
N THR A 297 -26.59 -0.20 3.59
CA THR A 297 -25.14 -0.01 3.61
C THR A 297 -24.54 -0.33 2.25
N LYS A 298 -25.03 -1.39 1.59
CA LYS A 298 -24.56 -1.71 0.25
C LYS A 298 -25.14 -0.76 -0.79
N MET A 299 -26.32 -0.17 -0.52
CA MET A 299 -26.88 0.81 -1.43
C MET A 299 -26.12 2.14 -1.34
N ARG A 300 -25.71 2.52 -0.13
CA ARG A 300 -25.00 3.78 0.04
C ARG A 300 -23.59 3.73 -0.50
N ALA A 301 -22.96 2.56 -0.46
CA ALA A 301 -21.61 2.43 -0.99
C ALA A 301 -21.60 2.39 -2.51
N ALA A 302 -22.69 1.93 -3.13
CA ALA A 302 -22.79 1.93 -4.58
C ALA A 302 -23.29 3.25 -5.12
N ALA A 303 -24.15 3.95 -4.39
CA ALA A 303 -24.59 5.28 -4.79
C ALA A 303 -23.48 6.30 -4.65
N LEU A 304 -22.56 6.08 -3.71
CA LEU A 304 -21.38 6.95 -3.61
C LEU A 304 -20.39 6.67 -4.72
N ASP A 305 -20.31 5.41 -5.18
CA ASP A 305 -19.41 5.07 -6.26
C ASP A 305 -19.94 5.57 -7.60
N ALA A 306 -21.25 5.49 -7.82
CA ALA A 306 -21.84 5.92 -9.07
C ALA A 306 -21.92 7.43 -9.21
N GLN A 307 -21.74 8.17 -8.12
CA GLN A 307 -21.65 9.62 -8.21
C GLN A 307 -20.30 10.06 -8.79
N LYS A 308 -19.27 9.22 -8.62
CA LYS A 308 -17.95 9.52 -9.15
C LYS A 308 -17.80 9.13 -10.62
N ALA A 309 -18.82 8.54 -11.23
CA ALA A 309 -18.74 8.16 -12.64
C ALA A 309 -18.79 9.39 -13.54
N THR A 310 -19.88 10.15 -13.47
CA THR A 310 -20.14 11.37 -14.25
C THR A 310 -19.95 11.21 -15.76
N ASP A 320 -19.37 21.89 -14.45
CA ASP A 320 -20.06 23.16 -14.33
C ASP A 320 -21.19 23.26 -15.36
N SER A 321 -21.40 22.17 -16.10
CA SER A 321 -22.50 22.10 -17.03
C SER A 321 -23.83 21.97 -16.28
N PRO A 322 -24.94 22.44 -16.88
CA PRO A 322 -26.26 22.17 -16.29
C PRO A 322 -26.59 20.68 -16.21
N GLU A 323 -26.11 19.87 -17.15
CA GLU A 323 -26.29 18.43 -17.03
C GLU A 323 -25.39 17.84 -15.96
N MET A 324 -24.25 18.48 -15.68
CA MET A 324 -23.40 18.05 -14.58
C MET A 324 -24.06 18.32 -13.23
N LYS A 325 -24.73 19.47 -13.10
CA LYS A 325 -25.47 19.76 -11.88
C LYS A 325 -26.69 18.87 -11.73
N ASP A 326 -27.30 18.45 -12.85
CA ASP A 326 -28.46 17.56 -12.75
C ASP A 326 -28.05 16.13 -12.44
N PHE A 327 -26.78 15.76 -12.65
CA PHE A 327 -26.32 14.42 -12.33
C PHE A 327 -25.98 14.28 -10.86
N ARG A 328 -25.12 15.18 -10.34
CA ARG A 328 -24.62 15.04 -8.98
C ARG A 328 -25.64 15.43 -7.92
N HIS A 329 -26.52 16.41 -8.21
CA HIS A 329 -27.56 16.75 -7.26
C HIS A 329 -28.61 15.67 -7.18
N GLY A 330 -28.78 14.89 -8.25
CA GLY A 330 -29.67 13.74 -8.18
C GLY A 330 -29.14 12.61 -7.33
N PHE A 331 -27.83 12.55 -7.13
CA PHE A 331 -27.22 11.57 -6.24
C PHE A 331 -27.11 12.08 -4.81
N ASP A 332 -27.00 13.40 -4.62
CA ASP A 332 -27.05 13.97 -3.27
C ASP A 332 -28.42 13.78 -2.64
N ILE A 333 -29.48 13.78 -3.46
CA ILE A 333 -30.80 13.42 -2.97
C ILE A 333 -30.85 11.92 -2.68
N LEU A 334 -30.22 11.11 -3.52
CA LEU A 334 -30.28 9.65 -3.38
C LEU A 334 -29.54 9.16 -2.14
N VAL A 335 -28.31 9.63 -1.94
CA VAL A 335 -27.56 9.26 -0.74
C VAL A 335 -28.17 9.93 0.49
N GLY A 336 -28.76 11.12 0.31
CA GLY A 336 -29.47 11.77 1.40
C GLY A 336 -30.78 11.09 1.78
N GLN A 337 -31.35 10.30 0.88
CA GLN A 337 -32.54 9.53 1.21
C GLN A 337 -32.22 8.15 1.76
N ILE A 338 -31.03 7.62 1.46
CA ILE A 338 -30.56 6.41 2.12
C ILE A 338 -30.26 6.69 3.58
N ASP A 339 -29.69 7.86 3.87
CA ASP A 339 -29.39 8.25 5.25
C ASP A 339 -30.66 8.50 6.06
N ASP A 340 -31.76 8.85 5.40
CA ASP A 340 -33.03 8.98 6.10
C ASP A 340 -33.64 7.63 6.46
N ALA A 341 -33.22 6.56 5.78
CA ALA A 341 -33.70 5.23 6.07
C ALA A 341 -32.76 4.43 6.96
N LEU A 342 -31.45 4.70 6.86
CA LEU A 342 -30.50 4.12 7.82
C LEU A 342 -30.72 4.69 9.21
N LYS A 343 -31.10 5.96 9.30
CA LYS A 343 -31.44 6.57 10.58
C LYS A 343 -32.73 5.97 11.14
N LEU A 344 -33.70 5.66 10.27
CA LEU A 344 -34.92 5.01 10.72
C LEU A 344 -34.70 3.54 11.08
N ALA A 345 -33.80 2.87 10.35
CA ALA A 345 -33.49 1.48 10.69
C ALA A 345 -32.61 1.36 11.93
N ASN A 346 -31.90 2.44 12.29
CA ASN A 346 -31.09 2.41 13.51
C ASN A 346 -31.96 2.52 14.75
N GLU A 347 -33.13 3.15 14.64
CA GLU A 347 -34.06 3.22 15.75
C GLU A 347 -34.83 1.92 15.98
N GLY A 348 -34.76 0.97 15.04
CA GLY A 348 -35.45 -0.29 15.16
C GLY A 348 -36.80 -0.34 14.49
N LYS A 349 -37.13 0.63 13.63
CA LYS A 349 -38.42 0.69 12.95
C LYS A 349 -38.24 0.08 11.56
N VAL A 350 -38.70 -1.17 11.39
CA VAL A 350 -38.56 -1.84 10.11
C VAL A 350 -39.56 -1.29 9.10
N LYS A 351 -40.81 -1.07 9.52
CA LYS A 351 -41.84 -0.62 8.60
C LYS A 351 -41.65 0.83 8.18
N GLU A 352 -41.10 1.66 9.06
CA GLU A 352 -40.81 3.04 8.68
C GLU A 352 -39.59 3.13 7.77
N ALA A 353 -38.64 2.20 7.91
CA ALA A 353 -37.47 2.19 7.04
C ALA A 353 -37.82 1.71 5.64
N GLN A 354 -38.75 0.76 5.54
CA GLN A 354 -39.18 0.27 4.23
C GLN A 354 -40.02 1.31 3.49
N ALA A 355 -40.80 2.10 4.23
CA ALA A 355 -41.57 3.16 3.59
C ALA A 355 -40.68 4.32 3.16
N ALA A 356 -39.63 4.61 3.94
CA ALA A 356 -38.70 5.67 3.56
C ALA A 356 -37.79 5.23 2.42
N ALA A 357 -37.54 3.93 2.29
CA ALA A 357 -36.79 3.41 1.15
C ALA A 357 -37.68 3.19 -0.08
N GLU A 358 -39.00 3.33 0.06
CA GLU A 358 -39.87 3.32 -1.10
C GLU A 358 -39.79 4.63 -1.88
N GLN A 359 -39.35 5.71 -1.23
CA GLN A 359 -39.12 6.98 -1.90
C GLN A 359 -37.81 7.01 -2.67
N LEU A 360 -36.98 5.97 -2.54
CA LEU A 360 -35.80 5.86 -3.38
C LEU A 360 -36.14 5.45 -4.80
N LYS A 361 -37.35 4.94 -5.03
CA LYS A 361 -37.77 4.60 -6.38
C LYS A 361 -38.03 5.84 -7.23
N THR A 362 -38.50 6.92 -6.61
CA THR A 362 -38.80 8.15 -7.36
C THR A 362 -37.52 8.83 -7.84
N THR A 363 -36.48 8.86 -7.00
CA THR A 363 -35.22 9.46 -7.41
C THR A 363 -34.50 8.57 -8.42
N ARG A 364 -34.61 7.25 -8.25
CA ARG A 364 -34.00 6.30 -9.20
C ARG A 364 -34.62 6.41 -10.59
N ASN A 365 -35.94 6.64 -10.66
CA ASN A 365 -36.59 6.77 -11.95
C ASN A 365 -36.29 8.13 -12.60
N ALA A 366 -36.26 9.20 -11.81
CA ALA A 366 -36.20 10.55 -12.36
C ALA A 366 -34.77 11.03 -12.59
N TYR A 367 -33.88 10.83 -11.61
CA TYR A 367 -32.54 11.37 -11.69
C TYR A 367 -31.49 10.34 -12.08
N ILE A 368 -31.70 9.07 -11.77
CA ILE A 368 -30.64 8.08 -11.92
C ILE A 368 -30.76 7.32 -13.24
N GLN A 369 -31.97 6.85 -13.57
CA GLN A 369 -32.17 6.02 -14.76
C GLN A 369 -32.00 6.82 -16.04
N LYS A 370 -32.33 8.11 -16.02
CA LYS A 370 -32.18 8.96 -17.21
C LYS A 370 -30.72 9.16 -17.56
N TYR A 371 -29.86 9.34 -16.56
CA TYR A 371 -28.43 9.48 -16.80
C TYR A 371 -27.68 8.16 -16.70
N LEU A 372 -28.36 7.08 -16.31
CA LEU A 372 -27.79 5.75 -16.49
C LEU A 372 -27.70 5.41 -17.98
N GLU A 373 -28.77 5.65 -18.72
CA GLU A 373 -28.78 5.34 -20.14
C GLU A 373 -27.97 6.32 -20.95
N ARG A 374 -27.81 7.56 -20.46
CA ARG A 374 -26.96 8.52 -21.13
C ARG A 374 -25.49 8.13 -21.02
N ALA A 375 -25.07 7.70 -19.83
CA ALA A 375 -23.68 7.29 -19.64
C ALA A 375 -23.42 5.91 -20.25
N ARG A 376 -24.44 5.06 -20.35
CA ARG A 376 -24.24 3.76 -20.99
C ARG A 376 -24.10 3.90 -22.49
N SER A 377 -24.93 4.74 -23.12
CA SER A 377 -24.90 4.88 -24.57
C SER A 377 -23.65 5.61 -25.04
N THR A 378 -23.04 6.44 -24.18
CA THR A 378 -21.77 7.04 -24.53
C THR A 378 -20.63 6.03 -24.49
N LEU A 379 -20.74 5.03 -23.61
CA LEU A 379 -19.70 4.02 -23.51
C LEU A 379 -19.79 3.02 -24.67
N GLN A 380 -20.99 2.71 -25.13
CA GLN A 380 -21.13 1.82 -26.29
C GLN A 380 -20.70 2.51 -27.57
N LYS A 381 -20.82 3.85 -27.62
CA LYS A 381 -20.36 4.59 -28.78
C LYS A 381 -18.83 4.63 -28.82
N GLU A 382 -18.19 4.77 -27.66
CA GLU A 382 -16.74 4.81 -27.61
C GLU A 382 -16.13 3.44 -27.84
N VAL A 383 -16.86 2.37 -27.48
CA VAL A 383 -16.41 1.02 -27.80
C VAL A 383 -16.47 0.80 -29.31
N LYS A 384 -17.53 1.29 -29.95
CA LYS A 384 -17.70 1.09 -31.39
C LYS A 384 -16.67 1.87 -32.20
N ALA A 385 -16.26 3.03 -31.70
CA ALA A 385 -15.23 3.81 -32.38
C ALA A 385 -13.86 3.15 -32.26
N ILE A 386 -13.59 2.53 -31.11
CA ILE A 386 -12.32 1.82 -30.91
C ILE A 386 -12.29 0.56 -31.76
N ARG A 387 -13.45 -0.10 -31.91
CA ARG A 387 -13.53 -1.34 -32.68
C ARG A 387 -13.25 -1.11 -34.17
N VAL A 388 -13.52 0.11 -34.66
CA VAL A 388 -13.10 0.46 -36.02
C VAL A 388 -11.58 0.61 -36.07
N ILE A 389 -11.01 1.26 -35.05
CA ILE A 389 -9.56 1.50 -35.01
C ILE A 389 -8.82 0.18 -34.81
N ILE A 390 -9.39 -0.72 -33.99
CA ILE A 390 -8.80 -2.05 -33.79
C ILE A 390 -8.82 -2.85 -35.09
N ALA A 391 -9.91 -2.76 -35.84
CA ALA A 391 -10.01 -3.48 -37.10
C ALA A 391 -9.11 -2.89 -38.17
N VAL A 392 -8.82 -1.59 -38.09
CA VAL A 392 -7.88 -0.97 -39.03
C VAL A 392 -6.45 -1.43 -38.75
N VAL A 393 -6.06 -1.48 -37.47
CA VAL A 393 -4.74 -1.95 -37.08
C VAL A 393 -4.56 -3.42 -37.42
N LEU A 394 -5.58 -4.24 -37.14
CA LEU A 394 -5.48 -5.67 -37.36
C LEU A 394 -5.44 -6.03 -38.84
N VAL A 395 -6.17 -5.30 -39.69
CA VAL A 395 -6.10 -5.54 -41.12
C VAL A 395 -4.74 -5.12 -41.68
N PHE A 396 -4.23 -3.97 -41.21
CA PHE A 396 -2.93 -3.48 -41.66
C PHE A 396 -1.73 -4.36 -41.33
N LEU A 397 -1.70 -4.93 -40.12
CA LEU A 397 -0.58 -5.82 -39.78
C LEU A 397 -0.71 -7.24 -40.35
N ALA A 398 -1.94 -7.76 -40.40
CA ALA A 398 -2.14 -9.14 -40.85
C ALA A 398 -1.96 -9.21 -42.36
N CYS A 399 -1.93 -8.09 -43.06
CA CYS A 399 -1.68 -8.08 -44.49
C CYS A 399 -0.24 -7.70 -44.84
N GLN A 400 0.37 -6.79 -44.08
CA GLN A 400 1.66 -6.23 -44.46
C GLN A 400 2.85 -6.86 -43.75
N ILE A 401 2.65 -7.52 -42.63
CA ILE A 401 3.75 -8.18 -41.92
C ILE A 401 4.32 -9.44 -42.61
N PRO A 402 3.57 -10.31 -43.40
CA PRO A 402 4.27 -11.47 -43.96
C PRO A 402 5.14 -11.12 -45.17
N HIS A 403 4.69 -10.13 -45.95
CA HIS A 403 5.49 -9.68 -47.09
C HIS A 403 6.76 -8.97 -46.64
N ASN A 404 6.69 -8.25 -45.53
CA ASN A 404 7.88 -7.59 -45.00
C ASN A 404 8.85 -8.60 -44.41
N MET A 405 8.34 -9.68 -43.81
CA MET A 405 9.21 -10.71 -43.27
C MET A 405 9.82 -11.58 -44.38
N VAL A 406 9.08 -11.77 -45.48
CA VAL A 406 9.60 -12.56 -46.59
C VAL A 406 10.72 -11.80 -47.31
N LEU A 407 10.53 -10.50 -47.57
CA LEU A 407 11.54 -9.71 -48.25
C LEU A 407 12.78 -9.49 -47.39
N LEU A 408 12.63 -9.47 -46.07
CA LEU A 408 13.79 -9.32 -45.20
C LEU A 408 14.59 -10.62 -45.10
N VAL A 409 13.90 -11.76 -45.06
CA VAL A 409 14.59 -13.05 -44.95
C VAL A 409 15.28 -13.39 -46.27
N THR A 410 14.60 -13.19 -47.40
CA THR A 410 15.13 -13.61 -48.70
C THR A 410 16.33 -12.75 -49.12
N ALA A 411 16.26 -11.45 -48.87
CA ALA A 411 17.37 -10.57 -49.23
C ALA A 411 18.58 -10.79 -48.32
N ALA A 412 18.35 -11.23 -47.07
CA ALA A 412 19.47 -11.56 -46.19
C ALA A 412 20.14 -12.86 -46.60
N ASN A 413 19.38 -13.82 -47.11
CA ASN A 413 19.94 -15.10 -47.53
C ASN A 413 20.35 -15.05 -49.00
N ILE A 427 9.43 -21.84 -52.15
CA ILE A 427 9.53 -20.45 -51.71
C ILE A 427 9.01 -19.52 -52.81
N ALA A 428 8.80 -20.10 -54.01
CA ALA A 428 8.27 -19.32 -55.11
C ALA A 428 6.78 -19.02 -54.93
N TYR A 429 6.04 -19.96 -54.33
CA TYR A 429 4.61 -19.75 -54.12
C TYR A 429 4.36 -18.77 -52.98
N THR A 430 5.20 -18.76 -51.95
CA THR A 430 5.01 -17.85 -50.83
C THR A 430 5.36 -16.42 -51.18
N LYS A 431 6.15 -16.19 -52.23
CA LYS A 431 6.51 -14.83 -52.62
C LYS A 431 5.32 -14.11 -53.25
N THR A 432 4.63 -14.78 -54.17
CA THR A 432 3.50 -14.14 -54.84
C THR A 432 2.26 -14.09 -53.96
N VAL A 433 2.13 -15.00 -52.99
CA VAL A 433 1.03 -14.95 -52.05
C VAL A 433 1.19 -13.78 -51.10
N THR A 434 2.41 -13.57 -50.59
CA THR A 434 2.66 -12.46 -49.68
C THR A 434 2.61 -11.12 -50.42
N GLU A 435 2.98 -11.09 -51.70
CA GLU A 435 2.98 -9.84 -52.45
C GLU A 435 1.56 -9.37 -52.73
N VAL A 436 0.64 -10.28 -53.05
CA VAL A 436 -0.73 -9.87 -53.30
C VAL A 436 -1.48 -9.60 -51.99
N LEU A 437 -1.01 -10.17 -50.87
CA LEU A 437 -1.66 -9.93 -49.59
C LEU A 437 -1.38 -8.52 -49.09
N ALA A 438 -0.12 -8.07 -49.18
CA ALA A 438 0.21 -6.72 -48.75
C ALA A 438 -0.28 -5.67 -49.75
N PHE A 439 -0.43 -6.05 -51.01
CA PHE A 439 -1.00 -5.13 -52.00
C PHE A 439 -2.51 -5.07 -51.89
N LEU A 440 -3.13 -6.05 -51.21
CA LEU A 440 -4.57 -6.03 -51.00
C LEU A 440 -5.00 -5.00 -49.97
N HIS A 441 -4.08 -4.49 -49.15
CA HIS A 441 -4.43 -3.60 -48.06
C HIS A 441 -4.89 -2.24 -48.56
N CYS A 442 -4.48 -1.86 -49.78
CA CYS A 442 -4.90 -0.60 -50.39
C CYS A 442 -6.42 -0.57 -50.65
N CYS A 443 -7.05 -1.72 -50.82
CA CYS A 443 -8.49 -1.78 -51.03
C CYS A 443 -9.28 -2.04 -49.74
N LEU A 444 -8.66 -2.64 -48.72
CA LEU A 444 -9.40 -3.00 -47.52
C LEU A 444 -9.66 -1.82 -46.58
N ASN A 445 -8.87 -0.75 -46.70
CA ASN A 445 -9.08 0.41 -45.83
C ASN A 445 -10.40 1.14 -46.04
N PRO A 446 -10.83 1.52 -47.25
CA PRO A 446 -12.15 2.17 -47.34
C PRO A 446 -13.32 1.19 -47.30
N VAL A 447 -13.05 -0.12 -47.36
CA VAL A 447 -14.09 -1.12 -47.12
C VAL A 447 -14.52 -1.08 -45.65
N LEU A 448 -13.55 -0.99 -44.73
CA LEU A 448 -13.84 -0.96 -43.30
C LEU A 448 -14.54 0.33 -42.89
N TYR A 449 -14.32 1.42 -43.61
CA TYR A 449 -15.03 2.66 -43.33
C TYR A 449 -16.46 2.64 -43.84
N ALA A 450 -16.81 1.70 -44.72
CA ALA A 450 -18.16 1.62 -45.27
C ALA A 450 -19.04 0.62 -44.55
N PHE A 451 -18.45 -0.33 -43.82
CA PHE A 451 -19.22 -1.35 -43.11
C PHE A 451 -19.45 -0.96 -41.65
N ILE A 452 -18.38 -0.76 -40.88
CA ILE A 452 -18.47 -0.39 -39.48
C ILE A 452 -18.10 1.07 -39.24
N GLY A 453 -17.69 1.80 -40.28
CA GLY A 453 -17.30 3.18 -40.16
C GLY A 453 -18.46 4.15 -40.17
N GLN A 454 -19.10 4.32 -39.01
CA GLN A 454 -20.35 5.08 -38.89
C GLN A 454 -20.19 6.54 -39.29
N LYS A 455 -19.04 7.14 -39.02
CA LYS A 455 -18.83 8.53 -39.43
C LYS A 455 -18.67 8.66 -40.94
N PHE A 456 -18.04 7.68 -41.58
CA PHE A 456 -17.87 7.75 -43.02
C PHE A 456 -19.15 7.37 -43.76
N ARG A 457 -19.89 6.38 -43.25
CA ARG A 457 -21.04 5.85 -43.98
C ARG A 457 -22.19 6.84 -44.03
N ASN A 458 -22.48 7.50 -42.91
CA ASN A 458 -23.55 8.49 -42.88
C ASN A 458 -23.18 9.74 -43.68
N TYR A 459 -21.90 10.12 -43.68
CA TYR A 459 -21.49 11.34 -44.38
C TYR A 459 -21.40 11.12 -45.88
N PHE A 460 -21.00 9.92 -46.31
CA PHE A 460 -20.93 9.62 -47.74
C PHE A 460 -22.34 9.49 -48.34
N LEU A 461 -23.31 9.08 -47.55
CA LEU A 461 -24.70 9.03 -48.02
C LEU A 461 -25.27 10.42 -48.24
N LYS A 462 -24.80 11.41 -47.48
CA LYS A 462 -25.21 12.79 -47.71
C LYS A 462 -24.56 13.37 -48.96
N ILE A 463 -23.40 12.83 -49.37
CA ILE A 463 -22.75 13.25 -50.60
C ILE A 463 -23.57 12.79 -51.80
N LEU A 464 -24.10 11.56 -51.75
CA LEU A 464 -24.92 11.04 -52.84
C LEU A 464 -26.25 11.79 -52.96
N LYS A 465 -26.80 12.26 -51.85
CA LYS A 465 -28.01 13.08 -51.91
C LYS A 465 -27.70 14.46 -52.50
N ASP A 466 -26.55 15.03 -52.15
CA ASP A 466 -26.17 16.34 -52.66
C ASP A 466 -25.56 16.22 -54.06
N GLU B 23 -9.32 30.60 15.39
CA GLU B 23 -9.40 29.15 15.29
C GLU B 23 -10.63 28.62 16.00
N VAL B 24 -11.05 27.42 15.62
CA VAL B 24 -12.18 26.74 16.26
C VAL B 24 -11.65 25.46 16.90
N GLN B 25 -12.28 25.03 17.98
CA GLN B 25 -11.71 23.95 18.77
C GLN B 25 -12.80 23.29 19.61
N LEU B 26 -12.45 22.11 20.14
CA LEU B 26 -13.27 21.38 21.09
C LEU B 26 -12.40 21.01 22.29
N VAL B 27 -12.89 21.30 23.49
CA VAL B 27 -12.21 20.90 24.71
C VAL B 27 -13.09 19.89 25.44
N GLU B 28 -12.48 19.14 26.35
CA GLU B 28 -13.17 18.10 27.09
C GLU B 28 -12.98 18.31 28.58
N SER B 29 -13.94 17.81 29.36
CA SER B 29 -13.93 17.93 30.81
C SER B 29 -14.75 16.80 31.40
N GLY B 30 -14.62 16.61 32.71
CA GLY B 30 -15.38 15.62 33.42
C GLY B 30 -14.72 14.26 33.54
N GLY B 31 -13.57 14.05 32.90
CA GLY B 31 -12.86 12.80 33.08
C GLY B 31 -12.19 12.71 34.43
N GLY B 32 -12.06 11.48 34.93
CA GLY B 32 -11.51 11.29 36.26
C GLY B 32 -11.62 9.85 36.68
N LEU B 33 -11.65 9.64 38.00
CA LEU B 33 -11.62 8.33 38.61
C LEU B 33 -12.96 8.04 39.28
N VAL B 34 -13.60 6.93 38.89
CA VAL B 34 -14.81 6.47 39.56
C VAL B 34 -14.68 4.98 39.87
N GLN B 35 -15.54 4.52 40.76
CA GLN B 35 -15.67 3.11 41.07
C GLN B 35 -16.39 2.38 39.93
N PRO B 36 -16.20 1.07 39.79
CA PRO B 36 -17.01 0.31 38.83
C PRO B 36 -18.47 0.32 39.20
N GLY B 37 -19.33 0.38 38.19
CA GLY B 37 -20.75 0.54 38.40
C GLY B 37 -21.21 1.96 38.64
N GLY B 38 -20.29 2.93 38.59
CA GLY B 38 -20.62 4.32 38.87
C GLY B 38 -21.17 5.04 37.67
N SER B 39 -21.07 6.37 37.71
CA SER B 39 -21.58 7.21 36.64
C SER B 39 -20.68 8.42 36.48
N LEU B 40 -20.56 8.88 35.24
CA LEU B 40 -19.72 10.03 34.92
C LEU B 40 -20.23 10.73 33.67
N ARG B 41 -20.38 12.05 33.73
CA ARG B 41 -20.84 12.83 32.59
C ARG B 41 -19.69 13.67 32.07
N LEU B 42 -19.19 13.30 30.89
CA LEU B 42 -18.13 14.06 30.25
C LEU B 42 -18.73 15.28 29.54
N SER B 43 -17.86 16.25 29.26
CA SER B 43 -18.25 17.45 28.54
C SER B 43 -17.39 17.58 27.29
N CYS B 44 -17.89 18.36 26.33
CA CYS B 44 -17.11 18.72 25.15
C CYS B 44 -17.56 20.12 24.73
N ALA B 45 -16.86 21.13 25.23
CA ALA B 45 -17.18 22.51 24.90
C ALA B 45 -16.59 22.85 23.54
N ALA B 46 -17.45 23.15 22.58
CA ALA B 46 -17.04 23.53 21.24
C ALA B 46 -17.09 25.05 21.11
N SER B 47 -15.98 25.64 20.69
CA SER B 47 -15.89 27.09 20.54
C SER B 47 -15.42 27.43 19.14
N GLY B 48 -16.00 28.48 18.57
CA GLY B 48 -15.67 28.93 17.25
C GLY B 48 -16.59 28.42 16.15
N PHE B 49 -17.32 27.35 16.42
CA PHE B 49 -18.32 26.84 15.48
C PHE B 49 -19.54 26.41 16.26
N ASN B 50 -20.65 26.25 15.55
CA ASN B 50 -21.91 25.87 16.18
C ASN B 50 -22.14 24.37 16.03
N VAL B 51 -22.84 23.80 17.02
CA VAL B 51 -23.14 22.37 17.00
C VAL B 51 -24.27 22.06 16.02
N VAL B 52 -25.04 23.05 15.58
CA VAL B 52 -26.10 22.80 14.61
C VAL B 52 -25.57 22.67 13.19
N ASP B 53 -24.26 22.84 12.97
CA ASP B 53 -23.64 22.58 11.68
C ASP B 53 -22.85 21.28 11.62
N PHE B 54 -22.55 20.67 12.78
CA PHE B 54 -21.66 19.53 12.82
C PHE B 54 -22.18 18.48 13.79
N SER B 55 -22.11 17.21 13.37
CA SER B 55 -22.39 16.09 14.25
C SER B 55 -21.17 15.84 15.13
N LEU B 56 -21.41 15.60 16.42
CA LEU B 56 -20.33 15.44 17.39
C LEU B 56 -20.23 13.98 17.80
N HIS B 57 -19.02 13.43 17.70
CA HIS B 57 -18.75 12.03 17.95
C HIS B 57 -17.82 11.88 19.14
N TRP B 58 -17.99 10.80 19.89
CA TRP B 58 -17.12 10.42 20.98
C TRP B 58 -16.42 9.12 20.61
N VAL B 59 -15.09 9.16 20.62
CA VAL B 59 -14.20 8.08 20.22
C VAL B 59 -13.35 7.72 21.43
N ARG B 60 -13.00 6.44 21.56
CA ARG B 60 -12.38 5.92 22.77
C ARG B 60 -11.06 5.23 22.44
N GLN B 61 -10.03 5.48 23.25
CA GLN B 61 -8.75 4.82 23.09
C GLN B 61 -8.32 4.25 24.44
N ALA B 62 -8.31 2.93 24.55
CA ALA B 62 -7.84 2.26 25.76
C ALA B 62 -6.32 2.45 25.89
N PRO B 63 -5.79 2.41 27.11
CA PRO B 63 -4.33 2.54 27.29
C PRO B 63 -3.58 1.36 26.71
N GLY B 64 -2.76 1.64 25.69
CA GLY B 64 -2.04 0.62 24.98
C GLY B 64 -2.77 0.01 23.79
N LYS B 65 -3.99 0.45 23.52
CA LYS B 65 -4.81 -0.11 22.46
C LYS B 65 -5.18 0.98 21.46
N GLY B 66 -5.92 0.58 20.41
CA GLY B 66 -6.26 1.48 19.33
C GLY B 66 -7.55 2.24 19.58
N LEU B 67 -7.93 3.03 18.59
CA LEU B 67 -9.13 3.86 18.68
C LEU B 67 -10.38 3.02 18.47
N GLU B 68 -11.46 3.40 19.16
CA GLU B 68 -12.74 2.72 19.04
C GLU B 68 -13.85 3.74 19.15
N TRP B 69 -14.74 3.74 18.17
CA TRP B 69 -15.88 4.65 18.18
C TRP B 69 -16.89 4.26 19.25
N VAL B 70 -17.48 5.25 19.89
CA VAL B 70 -18.45 4.98 20.95
C VAL B 70 -19.83 5.41 20.53
N ALA B 71 -20.02 6.71 20.33
CA ALA B 71 -21.34 7.23 19.95
C ALA B 71 -21.25 8.56 19.23
N TYR B 72 -22.33 8.96 18.59
CA TYR B 72 -22.36 10.24 17.90
C TYR B 72 -23.71 10.91 18.15
N ILE B 73 -23.79 12.21 17.90
CA ILE B 73 -25.04 12.93 18.08
C ILE B 73 -25.29 13.95 16.98
N SER B 74 -26.52 13.97 16.45
CA SER B 74 -26.87 14.97 15.44
C SER B 74 -27.78 15.99 16.08
N SER B 75 -27.22 17.12 16.50
CA SER B 75 -28.01 18.13 17.20
C SER B 75 -29.19 18.66 16.37
N SER B 76 -29.02 18.73 15.06
CA SER B 76 -30.06 19.29 14.21
C SER B 76 -31.24 18.34 14.10
N SER B 77 -31.00 17.12 13.64
CA SER B 77 -32.05 16.14 13.45
C SER B 77 -32.38 15.34 14.70
N GLY B 78 -31.55 15.42 15.74
CA GLY B 78 -31.81 14.69 16.96
C GLY B 78 -31.53 13.21 16.89
N SER B 79 -30.83 12.74 15.85
CA SER B 79 -30.56 11.33 15.65
C SER B 79 -29.23 10.97 16.32
N THR B 80 -29.22 9.85 17.03
CA THR B 80 -28.04 9.43 17.77
C THR B 80 -27.88 7.93 17.68
N SER B 81 -26.66 7.47 17.92
CA SER B 81 -26.34 6.04 17.84
C SER B 81 -25.15 5.74 18.73
N TYR B 82 -25.02 4.47 19.09
CA TYR B 82 -23.97 4.01 20.00
C TYR B 82 -23.35 2.74 19.44
N ALA B 83 -22.18 2.41 19.97
CA ALA B 83 -21.55 1.14 19.65
C ALA B 83 -22.25 0.02 20.40
N ASP B 84 -21.91 -1.23 20.04
CA ASP B 84 -22.53 -2.38 20.69
C ASP B 84 -22.08 -2.53 22.13
N SER B 85 -20.83 -2.18 22.44
CA SER B 85 -20.30 -2.36 23.78
C SER B 85 -20.78 -1.28 24.75
N VAL B 86 -21.33 -0.18 24.25
CA VAL B 86 -21.79 0.93 25.09
C VAL B 86 -23.28 1.17 24.95
N LYS B 87 -24.00 0.29 24.27
CA LYS B 87 -25.44 0.46 24.06
C LYS B 87 -26.19 0.17 25.35
N GLY B 88 -27.10 1.07 25.70
CA GLY B 88 -27.89 0.96 26.92
C GLY B 88 -27.28 1.63 28.12
N ARG B 89 -25.95 1.56 28.24
CA ARG B 89 -25.25 2.16 29.36
C ARG B 89 -24.88 3.62 29.12
N PHE B 90 -24.66 4.01 27.87
CA PHE B 90 -24.15 5.33 27.53
C PHE B 90 -25.28 6.15 26.93
N THR B 91 -25.28 7.45 27.20
CA THR B 91 -26.31 8.34 26.66
C THR B 91 -25.67 9.68 26.35
N ILE B 92 -25.78 10.11 25.10
CA ILE B 92 -25.13 11.34 24.63
C ILE B 92 -26.20 12.36 24.31
N SER B 93 -26.00 13.58 24.79
CA SER B 93 -26.92 14.69 24.58
C SER B 93 -26.14 15.91 24.11
N ALA B 94 -26.86 16.90 23.59
CA ALA B 94 -26.26 18.12 23.09
C ALA B 94 -26.95 19.33 23.71
N ASP B 95 -26.21 20.43 23.79
CA ASP B 95 -26.72 21.68 24.36
C ASP B 95 -26.19 22.81 23.50
N THR B 96 -27.02 23.30 22.58
CA THR B 96 -26.63 24.36 21.66
C THR B 96 -26.62 25.74 22.31
N SER B 97 -27.21 25.88 23.50
CA SER B 97 -27.14 27.15 24.20
C SER B 97 -25.73 27.44 24.70
N LYS B 98 -25.01 26.40 25.14
CA LYS B 98 -23.64 26.53 25.59
C LYS B 98 -22.64 25.91 24.62
N ASN B 99 -23.13 25.36 23.51
CA ASN B 99 -22.33 24.68 22.48
C ASN B 99 -21.52 23.53 23.04
N THR B 100 -22.16 22.69 23.84
CA THR B 100 -21.51 21.55 24.47
C THR B 100 -22.19 20.24 24.10
N ALA B 101 -21.49 19.14 24.31
CA ALA B 101 -22.04 17.80 24.21
C ALA B 101 -21.71 17.04 25.50
N TYR B 102 -22.60 16.15 25.90
CA TYR B 102 -22.45 15.38 27.13
C TYR B 102 -22.52 13.89 26.82
N LEU B 103 -21.58 13.13 27.35
CA LEU B 103 -21.62 11.67 27.30
C LEU B 103 -21.78 11.19 28.75
N GLN B 104 -23.02 10.89 29.14
CA GLN B 104 -23.29 10.32 30.44
C GLN B 104 -23.10 8.81 30.37
N MET B 105 -22.14 8.30 31.13
CA MET B 105 -21.83 6.88 31.17
C MET B 105 -22.25 6.32 32.52
N ASN B 106 -23.06 5.27 32.49
CA ASN B 106 -23.52 4.56 33.67
C ASN B 106 -23.08 3.10 33.58
N SER B 107 -23.04 2.45 34.74
CA SER B 107 -22.66 1.03 34.89
C SER B 107 -21.28 0.75 34.28
N LEU B 108 -20.31 1.56 34.67
CA LEU B 108 -18.99 1.57 34.04
C LEU B 108 -18.22 0.31 34.42
N ARG B 109 -18.12 -0.63 33.48
CA ARG B 109 -17.35 -1.84 33.70
C ARG B 109 -15.86 -1.55 33.61
N ALA B 110 -15.05 -2.57 33.92
CA ALA B 110 -13.61 -2.42 34.03
C ALA B 110 -12.92 -2.21 32.68
N GLU B 111 -13.58 -2.50 31.57
CA GLU B 111 -13.00 -2.29 30.26
C GLU B 111 -13.22 -0.88 29.72
N ASP B 112 -13.86 0.00 30.50
CA ASP B 112 -14.18 1.34 30.05
C ASP B 112 -13.15 2.38 30.46
N THR B 113 -12.07 1.99 31.13
CA THR B 113 -11.01 2.93 31.47
C THR B 113 -10.16 3.22 30.23
N ALA B 114 -10.15 4.47 29.81
CA ALA B 114 -9.60 4.84 28.51
C ALA B 114 -9.42 6.36 28.46
N VAL B 115 -9.09 6.87 27.28
CA VAL B 115 -9.08 8.29 26.96
C VAL B 115 -10.19 8.54 25.95
N TYR B 116 -11.02 9.54 26.23
CA TYR B 116 -12.19 9.85 25.42
C TYR B 116 -11.92 11.14 24.65
N TYR B 117 -12.11 11.07 23.33
CA TYR B 117 -11.92 12.19 22.43
C TYR B 117 -13.26 12.59 21.83
N CYS B 118 -13.44 13.89 21.65
CA CYS B 118 -14.65 14.45 21.08
C CYS B 118 -14.28 15.09 19.74
N ALA B 119 -14.78 14.50 18.65
CA ALA B 119 -14.50 14.96 17.30
C ALA B 119 -15.76 15.52 16.67
N ARG B 120 -15.58 16.28 15.60
CA ARG B 120 -16.69 16.85 14.85
C ARG B 120 -16.68 16.29 13.43
N TRP B 121 -17.83 16.36 12.77
CA TRP B 121 -17.96 15.85 11.42
C TRP B 121 -19.11 16.59 10.73
N GLY B 122 -18.88 17.02 9.49
CA GLY B 122 -19.88 17.77 8.76
C GLY B 122 -21.04 16.93 8.29
N TYR B 123 -21.96 17.60 7.60
CA TYR B 123 -23.21 16.99 7.15
C TYR B 123 -23.21 16.78 5.65
N TRP B 124 -23.87 15.71 5.23
CA TRP B 124 -24.19 15.54 3.82
C TRP B 124 -25.16 16.62 3.37
N PRO B 125 -25.00 17.18 2.16
CA PRO B 125 -24.01 16.88 1.11
C PRO B 125 -22.77 17.76 1.12
N GLY B 126 -21.79 17.39 0.33
CA GLY B 126 -20.64 18.23 0.08
C GLY B 126 -19.39 17.72 0.78
N GLU B 127 -18.35 18.54 0.68
CA GLU B 127 -17.02 18.34 1.26
C GLU B 127 -16.92 18.37 2.79
N PRO B 128 -17.79 19.07 3.56
CA PRO B 128 -17.77 18.84 5.02
C PRO B 128 -18.04 17.42 5.46
N TRP B 129 -18.81 16.64 4.70
CA TRP B 129 -18.97 15.23 5.05
C TRP B 129 -17.71 14.43 4.78
N TRP B 130 -16.99 14.78 3.69
CA TRP B 130 -15.83 13.99 3.29
C TRP B 130 -14.64 14.17 4.20
N LYS B 131 -14.58 15.28 4.94
CA LYS B 131 -13.55 15.46 5.96
C LYS B 131 -14.05 14.85 7.25
N ALA B 132 -13.73 13.57 7.45
CA ALA B 132 -14.18 12.83 8.62
C ALA B 132 -13.24 13.08 9.78
N PHE B 133 -13.79 13.63 10.87
CA PHE B 133 -13.08 13.91 12.12
C PHE B 133 -11.87 14.81 11.86
N ASP B 134 -12.16 15.99 11.32
CA ASP B 134 -11.09 16.91 10.95
C ASP B 134 -10.45 17.52 12.18
N TYR B 135 -11.28 17.98 13.14
CA TYR B 135 -10.79 18.60 14.36
C TYR B 135 -11.20 17.74 15.55
N TRP B 136 -10.24 17.44 16.42
CA TRP B 136 -10.43 16.62 17.60
C TRP B 136 -10.27 17.46 18.86
N GLY B 137 -10.68 16.87 19.98
CA GLY B 137 -10.36 17.40 21.29
C GLY B 137 -9.22 16.65 21.92
N GLN B 138 -8.70 17.20 23.02
CA GLN B 138 -7.51 16.62 23.64
C GLN B 138 -7.83 15.34 24.42
N GLY B 139 -9.08 15.08 24.74
CA GLY B 139 -9.45 13.84 25.41
C GLY B 139 -9.29 13.93 26.91
N THR B 140 -10.10 13.13 27.62
CA THR B 140 -10.02 13.02 29.06
C THR B 140 -9.88 11.56 29.46
N LEU B 141 -9.14 11.32 30.54
CA LEU B 141 -8.91 9.96 31.03
C LEU B 141 -10.01 9.59 32.01
N VAL B 142 -10.70 8.49 31.73
CA VAL B 142 -11.71 7.93 32.63
C VAL B 142 -11.16 6.60 33.11
N THR B 143 -10.97 6.48 34.43
CA THR B 143 -10.41 5.27 35.02
C THR B 143 -11.39 4.69 36.04
N VAL B 144 -11.63 3.39 35.92
CA VAL B 144 -12.56 2.65 36.76
C VAL B 144 -11.78 1.59 37.53
N SER B 145 -11.90 1.63 38.86
CA SER B 145 -11.15 0.76 39.76
C SER B 145 -11.74 0.86 41.15
N SER B 146 -11.67 -0.24 41.90
CA SER B 146 -12.21 -0.31 43.24
C SER B 146 -11.17 0.03 44.31
N ALA B 147 -9.94 0.36 43.92
CA ALA B 147 -8.89 0.63 44.89
C ALA B 147 -8.84 2.10 45.25
N SER B 148 -8.32 2.38 46.45
CA SER B 148 -8.21 3.73 46.98
C SER B 148 -6.75 4.17 46.99
N THR B 149 -6.56 5.45 47.30
CA THR B 149 -5.25 6.08 47.22
C THR B 149 -4.33 5.56 48.33
N LYS B 150 -3.14 5.10 47.95
CA LYS B 150 -2.12 4.71 48.91
C LYS B 150 -0.75 4.98 48.30
N GLY B 151 0.23 5.17 49.17
CA GLY B 151 1.59 5.45 48.75
C GLY B 151 2.32 4.21 48.29
N PRO B 152 3.39 4.39 47.53
CA PRO B 152 4.14 3.24 47.02
C PRO B 152 5.06 2.63 48.07
N SER B 153 5.37 1.35 47.86
CA SER B 153 6.38 0.64 48.63
C SER B 153 7.63 0.56 47.78
N VAL B 154 8.74 1.08 48.29
CA VAL B 154 9.98 1.23 47.54
C VAL B 154 10.99 0.19 48.01
N PHE B 155 11.55 -0.56 47.07
CA PHE B 155 12.46 -1.65 47.38
C PHE B 155 13.73 -1.51 46.57
N PRO B 156 14.89 -1.82 47.16
CA PRO B 156 16.16 -1.69 46.43
C PRO B 156 16.53 -2.92 45.63
N LEU B 157 16.62 -2.79 44.30
CA LEU B 157 17.22 -3.80 43.46
C LEU B 157 18.72 -3.55 43.44
N ALA B 158 19.45 -4.32 44.24
CA ALA B 158 20.83 -4.02 44.56
C ALA B 158 21.76 -4.38 43.41
N PRO B 159 22.89 -3.67 43.27
CA PRO B 159 23.91 -4.06 42.29
C PRO B 159 24.72 -5.26 42.74
N SER B 160 24.22 -6.46 42.41
CA SER B 160 24.92 -7.70 42.78
C SER B 160 26.32 -7.74 42.15
N SER B 161 27.29 -8.12 42.99
CA SER B 161 28.70 -7.93 42.64
C SER B 161 29.16 -8.88 41.55
N LYS B 162 28.59 -10.08 41.48
CA LYS B 162 28.95 -11.03 40.44
C LYS B 162 28.40 -10.67 39.07
N SER B 163 27.40 -9.79 39.00
CA SER B 163 26.80 -9.41 37.73
C SER B 163 27.70 -8.39 37.03
N THR B 164 28.48 -8.87 36.06
CA THR B 164 29.42 -8.09 35.25
C THR B 164 30.43 -7.33 36.12
N SER B 165 31.23 -8.11 36.86
CA SER B 165 32.25 -7.54 37.72
C SER B 165 33.41 -6.99 36.89
N GLY B 166 33.85 -5.79 37.23
CA GLY B 166 34.93 -5.12 36.52
C GLY B 166 34.50 -4.30 35.33
N GLY B 167 33.21 -4.33 34.96
CA GLY B 167 32.72 -3.55 33.85
C GLY B 167 31.71 -2.51 34.28
N THR B 168 30.45 -2.71 33.90
CA THR B 168 29.37 -1.82 34.32
C THR B 168 28.25 -2.66 34.94
N ALA B 169 27.58 -2.08 35.93
CA ALA B 169 26.53 -2.74 36.69
C ALA B 169 25.26 -1.90 36.64
N ALA B 170 24.17 -2.47 37.18
CA ALA B 170 22.88 -1.81 37.18
C ALA B 170 22.27 -1.77 38.57
N LEU B 171 21.73 -0.61 38.93
CA LEU B 171 20.93 -0.43 40.13
C LEU B 171 19.46 -0.28 39.80
N GLY B 172 18.61 -0.41 40.81
CA GLY B 172 17.20 -0.19 40.57
C GLY B 172 16.44 0.14 41.84
N CYS B 173 15.38 0.91 41.66
CA CYS B 173 14.37 1.11 42.70
C CYS B 173 13.04 0.62 42.15
N LEU B 174 12.43 -0.32 42.87
CA LEU B 174 11.18 -0.93 42.45
C LEU B 174 10.09 -0.44 43.39
N VAL B 175 9.14 0.33 42.87
CA VAL B 175 7.95 0.71 43.63
C VAL B 175 6.84 -0.26 43.24
N LYS B 176 6.14 -0.78 44.25
CA LYS B 176 5.35 -1.98 43.98
C LYS B 176 3.85 -1.75 44.03
N ASP B 177 3.34 -1.13 45.08
CA ASP B 177 1.89 -1.02 45.27
C ASP B 177 1.53 0.45 45.52
N TYR B 178 1.22 1.16 44.43
CA TYR B 178 0.62 2.49 44.53
C TYR B 178 -0.53 2.54 43.53
N PHE B 179 -1.67 3.03 43.99
CA PHE B 179 -2.84 3.04 43.12
C PHE B 179 -2.93 4.20 42.11
N PRO B 180 -2.75 5.48 42.47
CA PRO B 180 -2.90 6.52 41.43
C PRO B 180 -1.65 6.55 40.54
N GLU B 181 -1.89 6.42 39.23
CA GLU B 181 -0.82 6.14 38.28
C GLU B 181 0.34 7.15 38.18
N PRO B 182 0.15 8.51 38.15
CA PRO B 182 1.34 9.36 37.96
C PRO B 182 2.24 9.43 39.18
N VAL B 183 3.41 8.78 39.08
CA VAL B 183 4.46 8.85 40.08
C VAL B 183 5.72 9.33 39.37
N THR B 184 6.63 9.90 40.15
CA THR B 184 7.86 10.48 39.61
C THR B 184 9.04 9.90 40.36
N VAL B 185 10.00 9.34 39.62
CA VAL B 185 11.22 8.80 40.19
C VAL B 185 12.40 9.61 39.68
N SER B 186 13.18 10.16 40.60
CA SER B 186 14.42 10.85 40.28
C SER B 186 15.58 10.10 40.92
N TRP B 187 16.78 10.29 40.37
CA TRP B 187 17.96 9.58 40.82
C TRP B 187 19.03 10.58 41.24
N ASN B 188 19.49 10.45 42.49
CA ASN B 188 20.50 11.32 43.10
C ASN B 188 20.11 12.80 43.04
N SER B 189 18.82 13.06 43.31
CA SER B 189 18.21 14.40 43.27
C SER B 189 18.40 15.08 41.92
N GLY B 190 18.22 14.31 40.84
CA GLY B 190 18.32 14.83 39.50
C GLY B 190 19.72 14.92 38.93
N ALA B 191 20.73 14.53 39.70
CA ALA B 191 22.11 14.58 39.22
C ALA B 191 22.49 13.41 38.33
N LEU B 192 21.66 12.37 38.28
CA LEU B 192 21.91 11.18 37.47
C LEU B 192 20.88 11.13 36.35
N THR B 193 21.34 11.30 35.13
CA THR B 193 20.48 11.34 33.95
C THR B 193 20.94 10.37 32.87
N SER B 194 22.24 10.18 32.71
CA SER B 194 22.78 9.32 31.67
C SER B 194 22.64 7.87 32.10
N GLY B 195 21.70 7.13 31.49
CA GLY B 195 21.56 5.71 31.69
C GLY B 195 20.30 5.29 32.42
N VAL B 196 19.54 6.21 32.99
CA VAL B 196 18.37 5.84 33.79
C VAL B 196 17.21 5.49 32.87
N HIS B 197 16.59 4.34 33.12
CA HIS B 197 15.37 3.92 32.43
C HIS B 197 14.27 3.78 33.47
N THR B 198 13.22 4.58 33.34
CA THR B 198 12.03 4.48 34.18
C THR B 198 10.95 3.82 33.34
N PHE B 199 10.59 2.61 33.69
CA PHE B 199 9.66 1.81 32.91
C PHE B 199 8.23 2.32 33.07
N PRO B 200 7.38 2.11 32.08
CA PRO B 200 5.95 2.41 32.26
C PRO B 200 5.33 1.54 33.34
N ALA B 201 4.39 2.12 34.08
CA ALA B 201 3.73 1.42 35.15
C ALA B 201 2.78 0.36 34.59
N VAL B 202 2.90 -0.86 35.10
CA VAL B 202 2.05 -1.95 34.68
C VAL B 202 0.97 -2.14 35.74
N LEU B 203 -0.19 -2.63 35.33
CA LEU B 203 -1.32 -2.83 36.23
C LEU B 203 -1.32 -4.26 36.72
N GLN B 204 -1.23 -4.44 38.03
CA GLN B 204 -1.18 -5.76 38.62
C GLN B 204 -2.58 -6.35 38.73
N SER B 205 -2.65 -7.61 39.17
CA SER B 205 -3.92 -8.28 39.39
C SER B 205 -4.62 -7.81 40.67
N SER B 206 -3.93 -7.09 41.54
CA SER B 206 -4.53 -6.55 42.76
C SER B 206 -5.09 -5.15 42.57
N GLY B 207 -5.07 -4.62 41.36
CA GLY B 207 -5.63 -3.32 41.08
C GLY B 207 -4.71 -2.14 41.27
N LEU B 208 -3.45 -2.36 41.62
CA LEU B 208 -2.49 -1.30 41.84
C LEU B 208 -1.35 -1.40 40.83
N TYR B 209 -0.60 -0.31 40.72
CA TYR B 209 0.44 -0.19 39.69
C TYR B 209 1.82 -0.45 40.27
N SER B 210 2.66 -1.13 39.49
CA SER B 210 4.04 -1.42 39.85
C SER B 210 4.97 -0.82 38.81
N LEU B 211 6.06 -0.20 39.27
CA LEU B 211 6.98 0.50 38.40
C LEU B 211 8.41 0.21 38.85
N SER B 212 9.34 0.24 37.91
CA SER B 212 10.75 0.04 38.21
C SER B 212 11.55 1.15 37.54
N SER B 213 12.57 1.64 38.23
CA SER B 213 13.49 2.63 37.68
C SER B 213 14.90 2.11 37.87
N VAL B 214 15.57 1.76 36.77
CA VAL B 214 16.90 1.18 36.82
C VAL B 214 17.89 2.20 36.27
N VAL B 215 19.15 2.02 36.63
CA VAL B 215 20.22 2.91 36.19
C VAL B 215 21.50 2.10 36.02
N THR B 216 22.20 2.32 34.91
CA THR B 216 23.42 1.60 34.58
C THR B 216 24.63 2.50 34.84
N VAL B 217 25.44 2.12 35.82
CA VAL B 217 26.60 2.89 36.26
C VAL B 217 27.81 1.99 36.03
N PRO B 218 29.04 2.54 36.01
CA PRO B 218 30.19 1.63 36.05
C PRO B 218 30.72 1.24 37.43
N SER B 219 31.05 -0.05 37.54
CA SER B 219 31.26 -0.72 38.83
C SER B 219 32.49 -0.25 39.58
N SER B 220 33.39 0.50 38.95
CA SER B 220 34.51 1.10 39.67
C SER B 220 34.06 2.21 40.62
N SER B 221 32.89 2.81 40.36
CA SER B 221 32.36 3.89 41.19
C SER B 221 31.20 3.44 42.07
N LEU B 222 31.05 2.12 42.27
CA LEU B 222 29.95 1.62 43.09
C LEU B 222 30.19 1.93 44.56
N GLY B 223 31.40 1.67 45.06
CA GLY B 223 31.70 1.97 46.45
C GLY B 223 31.98 3.44 46.70
N THR B 224 32.47 4.16 45.70
CA THR B 224 32.79 5.57 45.88
C THR B 224 31.53 6.43 45.84
N GLN B 225 30.82 6.41 44.72
CA GLN B 225 29.60 7.19 44.57
C GLN B 225 28.45 6.55 45.34
N THR B 226 27.51 7.39 45.75
CA THR B 226 26.29 6.95 46.42
C THR B 226 25.09 7.20 45.52
N TYR B 227 24.13 6.29 45.57
CA TYR B 227 22.94 6.36 44.74
C TYR B 227 21.70 6.30 45.61
N ILE B 228 20.86 7.33 45.50
CA ILE B 228 19.62 7.44 46.27
C ILE B 228 18.51 7.75 45.27
N CYS B 229 17.47 6.92 45.25
CA CYS B 229 16.31 7.18 44.43
C CYS B 229 15.27 7.93 45.24
N ASN B 230 14.55 8.83 44.58
CA ASN B 230 13.51 9.63 45.20
C ASN B 230 12.21 9.38 44.46
N VAL B 231 11.24 8.79 45.15
CA VAL B 231 9.93 8.50 44.61
C VAL B 231 8.94 9.55 45.10
N ASN B 232 8.23 10.17 44.16
CA ASN B 232 7.59 11.47 44.36
C ASN B 232 6.12 11.33 43.99
N HIS B 233 5.24 11.26 44.99
CA HIS B 233 3.84 10.84 44.81
C HIS B 233 2.87 11.81 45.48
N LYS B 234 2.34 12.76 44.70
CA LYS B 234 1.38 13.80 45.09
C LYS B 234 -0.08 13.42 45.36
N PRO B 235 -0.68 12.38 44.74
CA PRO B 235 -2.01 11.95 45.23
C PRO B 235 -2.01 11.47 46.68
N SER B 236 -0.89 10.92 47.16
CA SER B 236 -0.77 10.52 48.55
C SER B 236 0.12 11.44 49.38
N ASN B 237 0.76 12.44 48.74
CA ASN B 237 1.75 13.34 49.35
C ASN B 237 2.87 12.56 50.05
N THR B 238 3.38 11.55 49.35
CA THR B 238 4.41 10.65 49.87
C THR B 238 5.70 10.86 49.10
N LYS B 239 6.78 11.15 49.83
CA LYS B 239 8.10 11.33 49.24
C LYS B 239 9.07 10.39 49.96
N VAL B 240 9.58 9.39 49.24
CA VAL B 240 10.48 8.39 49.79
C VAL B 240 11.83 8.53 49.11
N ASP B 241 12.88 8.72 49.91
CA ASP B 241 14.26 8.78 49.42
C ASP B 241 14.98 7.55 49.98
N LYS B 242 15.18 6.55 49.13
CA LYS B 242 15.78 5.28 49.52
C LYS B 242 17.12 5.12 48.82
N LYS B 243 18.15 4.81 49.59
CA LYS B 243 19.47 4.57 49.03
C LYS B 243 19.59 3.13 48.57
N VAL B 244 20.43 2.91 47.56
CA VAL B 244 20.69 1.58 47.02
C VAL B 244 22.18 1.30 47.14
N GLU B 245 22.52 0.16 47.73
CA GLU B 245 23.91 -0.17 48.01
C GLU B 245 24.19 -1.61 47.59
N PRO B 246 25.42 -1.90 47.15
CA PRO B 246 25.77 -3.29 46.84
C PRO B 246 25.91 -4.12 48.11
N LYS B 247 25.67 -5.42 47.96
CA LYS B 247 25.74 -6.34 49.09
C LYS B 247 27.14 -6.94 49.21
N GLN C 21 12.99 -33.31 10.60
CA GLN C 21 13.08 -33.50 9.16
C GLN C 21 13.65 -32.26 8.47
N VAL C 22 13.95 -31.25 9.26
CA VAL C 22 14.43 -29.97 8.74
C VAL C 22 15.95 -30.00 8.67
N GLN C 23 16.49 -29.86 7.46
CA GLN C 23 17.92 -29.77 7.24
C GLN C 23 18.23 -28.45 6.54
N LEU C 24 19.47 -27.99 6.68
CA LEU C 24 19.87 -26.70 6.16
C LEU C 24 21.27 -26.80 5.56
N GLN C 25 21.46 -26.21 4.38
CA GLN C 25 22.75 -26.26 3.71
C GLN C 25 23.09 -24.90 3.11
N GLU C 26 24.37 -24.55 3.19
CA GLU C 26 24.89 -23.29 2.69
C GLU C 26 25.96 -23.55 1.64
N SER C 27 26.13 -22.58 0.74
CA SER C 27 27.12 -22.64 -0.32
C SER C 27 27.96 -21.37 -0.30
N GLY C 28 28.85 -21.25 -1.28
CA GLY C 28 29.72 -20.10 -1.38
C GLY C 28 30.89 -20.16 -0.40
N GLY C 29 31.60 -19.04 -0.33
CA GLY C 29 32.72 -18.93 0.58
C GLY C 29 34.07 -18.84 -0.11
N GLY C 30 35.10 -19.38 0.54
CA GLY C 30 36.41 -19.44 -0.07
C GLY C 30 37.28 -18.23 0.25
N LEU C 31 38.26 -18.03 -0.63
CA LEU C 31 39.24 -16.95 -0.51
C LEU C 31 38.78 -15.74 -1.30
N VAL C 32 38.73 -14.58 -0.66
CA VAL C 32 38.33 -13.33 -1.29
C VAL C 32 39.47 -12.34 -1.15
N GLN C 33 39.76 -11.62 -2.23
CA GLN C 33 40.72 -10.52 -2.17
C GLN C 33 40.16 -9.39 -1.30
N PRO C 34 41.03 -8.62 -0.65
CA PRO C 34 40.56 -7.47 0.14
C PRO C 34 39.90 -6.41 -0.74
N GLY C 35 38.78 -5.88 -0.26
CA GLY C 35 37.96 -5.00 -1.04
C GLY C 35 37.09 -5.68 -2.09
N GLY C 36 37.00 -7.00 -2.05
CA GLY C 36 36.26 -7.76 -3.04
C GLY C 36 34.80 -7.92 -2.69
N SER C 37 34.20 -8.99 -3.19
CA SER C 37 32.78 -9.24 -2.99
C SER C 37 32.52 -10.74 -2.98
N LEU C 38 31.37 -11.11 -2.43
CA LEU C 38 30.95 -12.51 -2.37
C LEU C 38 29.43 -12.57 -2.29
N ARG C 39 28.87 -13.74 -2.60
CA ARG C 39 27.44 -13.96 -2.50
C ARG C 39 27.20 -15.38 -2.02
N LEU C 40 26.88 -15.53 -0.73
CA LEU C 40 26.56 -16.82 -0.16
C LEU C 40 25.07 -17.11 -0.31
N SER C 41 24.74 -18.40 -0.36
CA SER C 41 23.36 -18.85 -0.46
C SER C 41 23.09 -19.86 0.65
N CYS C 42 21.88 -19.80 1.20
CA CYS C 42 21.45 -20.74 2.23
C CYS C 42 20.06 -21.25 1.89
N ALA C 43 19.90 -22.57 1.88
CA ALA C 43 18.63 -23.19 1.55
C ALA C 43 18.34 -24.32 2.52
N ALA C 44 17.07 -24.45 2.91
CA ALA C 44 16.64 -25.48 3.85
C ALA C 44 15.67 -26.42 3.18
N SER C 45 15.85 -27.71 3.44
CA SER C 45 14.98 -28.76 2.94
C SER C 45 14.17 -29.34 4.10
N GLY C 46 12.92 -29.71 3.82
CA GLY C 46 12.02 -30.22 4.83
C GLY C 46 11.17 -29.17 5.52
N ARG C 47 11.40 -27.89 5.24
CA ARG C 47 10.61 -26.82 5.84
C ARG C 47 10.65 -25.62 4.92
N THR C 48 9.52 -24.92 4.83
CA THR C 48 9.41 -23.75 3.97
C THR C 48 10.11 -22.55 4.62
N ILE C 49 10.89 -21.83 3.82
CA ILE C 49 11.52 -20.59 4.28
C ILE C 49 10.47 -19.52 4.54
N SER C 50 9.39 -19.50 3.74
CA SER C 50 8.29 -18.56 3.93
C SER C 50 7.58 -18.84 5.25
N ARG C 51 6.92 -17.78 5.76
CA ARG C 51 6.29 -17.65 7.08
C ARG C 51 7.29 -17.71 8.24
N TYR C 52 8.59 -17.68 7.96
CA TYR C 52 9.64 -17.81 8.96
C TYR C 52 10.60 -16.63 8.81
N ALA C 53 11.55 -16.54 9.73
CA ALA C 53 12.61 -15.53 9.69
C ALA C 53 13.96 -16.24 9.59
N MET C 54 14.90 -15.61 8.90
CA MET C 54 16.09 -16.30 8.42
C MET C 54 17.32 -15.47 8.77
N SER C 55 18.23 -16.03 9.56
CA SER C 55 19.31 -15.25 10.15
C SER C 55 20.68 -15.77 9.74
N TRP C 56 21.66 -14.86 9.74
CA TRP C 56 23.05 -15.14 9.36
C TRP C 56 23.96 -14.69 10.49
N PHE C 57 24.86 -15.59 10.91
CA PHE C 57 25.75 -15.38 12.04
C PHE C 57 27.20 -15.62 11.61
N ARG C 58 28.11 -15.05 12.39
CA ARG C 58 29.55 -15.19 12.15
C ARG C 58 30.20 -15.94 13.32
N GLN C 59 31.29 -16.64 13.02
CA GLN C 59 32.14 -17.20 14.07
C GLN C 59 33.58 -17.13 13.61
N ALA C 60 34.37 -16.29 14.28
CA ALA C 60 35.81 -16.27 14.09
C ALA C 60 36.44 -17.44 14.84
N PRO C 61 37.61 -17.93 14.40
CA PRO C 61 38.28 -19.01 15.13
C PRO C 61 38.75 -18.64 16.53
N GLY C 62 38.91 -17.35 16.83
CA GLY C 62 39.36 -16.95 18.15
C GLY C 62 38.30 -16.26 19.00
N LYS C 63 37.17 -15.94 18.40
CA LYS C 63 36.09 -15.22 19.06
C LYS C 63 34.85 -16.11 19.19
N GLU C 64 33.76 -15.52 19.68
CA GLU C 64 32.52 -16.24 19.90
C GLU C 64 31.59 -16.07 18.70
N ARG C 65 30.34 -16.53 18.84
CA ARG C 65 29.35 -16.44 17.77
C ARG C 65 28.85 -15.00 17.67
N GLU C 66 29.17 -14.34 16.57
CA GLU C 66 28.74 -12.97 16.34
C GLU C 66 27.54 -12.94 15.39
N PHE C 67 26.77 -11.86 15.50
CA PHE C 67 25.60 -11.66 14.66
C PHE C 67 25.96 -10.85 13.43
N VAL C 68 25.42 -11.25 12.28
CA VAL C 68 25.58 -10.50 11.03
C VAL C 68 24.26 -9.88 10.59
N ALA C 69 23.25 -10.70 10.30
CA ALA C 69 22.06 -10.14 9.66
C ALA C 69 20.85 -11.03 9.91
N VAL C 70 19.67 -10.48 9.61
CA VAL C 70 18.41 -11.21 9.72
C VAL C 70 17.46 -10.66 8.65
N ALA C 71 16.75 -11.58 7.99
CA ALA C 71 15.70 -11.24 7.03
C ALA C 71 14.37 -11.73 7.57
N ARG C 72 13.39 -10.85 7.57
CA ARG C 72 12.07 -11.14 8.12
C ARG C 72 11.14 -11.60 7.00
N ARG C 73 9.84 -11.69 7.31
CA ARG C 73 8.85 -12.20 6.37
C ARG C 73 8.54 -11.14 5.32
N SER C 74 8.96 -11.41 4.08
CA SER C 74 8.69 -10.60 2.89
C SER C 74 9.14 -9.15 3.03
N GLY C 75 8.20 -8.22 3.11
CA GLY C 75 8.51 -6.80 3.15
C GLY C 75 8.61 -6.23 4.55
N ASP C 76 8.77 -7.10 5.56
CA ASP C 76 8.90 -6.64 6.93
C ASP C 76 10.25 -5.98 7.20
N GLY C 77 11.26 -6.27 6.38
CA GLY C 77 12.55 -5.62 6.48
C GLY C 77 13.67 -6.60 6.78
N ALA C 78 14.88 -6.08 6.63
CA ALA C 78 16.10 -6.82 6.95
C ALA C 78 16.98 -5.95 7.84
N PHE C 79 17.59 -6.57 8.84
CA PHE C 79 18.39 -5.86 9.83
C PHE C 79 19.80 -6.42 9.85
N TYR C 80 20.77 -5.55 10.11
CA TYR C 80 22.18 -5.93 10.12
C TYR C 80 22.81 -5.51 11.44
N ALA C 81 24.05 -5.96 11.64
CA ALA C 81 24.80 -5.61 12.84
C ALA C 81 25.47 -4.25 12.65
N ASP C 82 26.25 -3.85 13.66
CA ASP C 82 26.89 -2.54 13.64
C ASP C 82 28.21 -2.53 12.87
N SER C 83 28.72 -3.69 12.46
CA SER C 83 29.97 -3.78 11.73
C SER C 83 29.80 -4.20 10.28
N VAL C 84 28.60 -4.62 9.88
CA VAL C 84 28.33 -5.08 8.53
C VAL C 84 27.26 -4.24 7.85
N GLN C 85 26.87 -3.12 8.46
CA GLN C 85 25.78 -2.32 7.90
C GLN C 85 26.25 -1.52 6.69
N GLY C 86 25.49 -1.59 5.62
CA GLY C 86 25.84 -0.95 4.36
C GLY C 86 26.63 -1.83 3.41
N ARG C 87 27.64 -2.54 3.94
CA ARG C 87 28.42 -3.44 3.10
C ARG C 87 27.65 -4.70 2.74
N PHE C 88 26.82 -5.20 3.64
CA PHE C 88 26.14 -6.47 3.46
C PHE C 88 24.72 -6.24 2.98
N THR C 89 24.18 -7.23 2.26
CA THR C 89 22.82 -7.12 1.73
C THR C 89 22.18 -8.50 1.72
N VAL C 90 20.99 -8.62 2.29
CA VAL C 90 20.27 -9.89 2.37
C VAL C 90 19.09 -9.85 1.41
N SER C 91 18.93 -10.91 0.64
CA SER C 91 17.78 -11.07 -0.24
C SER C 91 17.11 -12.42 0.03
N ARG C 92 15.80 -12.45 -0.17
CA ARG C 92 14.99 -13.62 0.09
C ARG C 92 14.43 -14.19 -1.22
N ASP C 93 14.09 -15.48 -1.18
CA ASP C 93 13.41 -16.12 -2.31
C ASP C 93 12.49 -17.18 -1.73
N ASP C 94 11.20 -16.83 -1.58
CA ASP C 94 10.23 -17.77 -1.04
C ASP C 94 9.86 -18.83 -2.07
N ALA C 95 9.89 -18.50 -3.36
CA ALA C 95 9.60 -19.48 -4.40
C ALA C 95 10.71 -20.50 -4.51
N LYS C 96 11.96 -20.07 -4.47
CA LYS C 96 13.11 -20.97 -4.49
C LYS C 96 13.48 -21.49 -3.11
N ASN C 97 12.88 -20.93 -2.05
CA ASN C 97 13.10 -21.30 -0.66
C ASN C 97 14.57 -21.19 -0.26
N THR C 98 15.11 -19.99 -0.43
CA THR C 98 16.52 -19.75 -0.13
C THR C 98 16.73 -18.29 0.22
N VAL C 99 17.90 -17.99 0.78
CA VAL C 99 18.32 -16.62 1.02
C VAL C 99 19.72 -16.43 0.45
N TYR C 100 20.03 -15.17 0.15
CA TYR C 100 21.32 -14.77 -0.38
C TYR C 100 21.90 -13.66 0.47
N LEU C 101 23.19 -13.75 0.75
CA LEU C 101 23.92 -12.76 1.54
C LEU C 101 25.07 -12.25 0.68
N GLN C 102 24.99 -10.99 0.27
CA GLN C 102 25.99 -10.37 -0.59
C GLN C 102 26.91 -9.50 0.26
N MET C 103 28.20 -9.79 0.21
CA MET C 103 29.22 -9.05 0.94
C MET C 103 30.02 -8.20 -0.03
N ASN C 104 30.14 -6.91 0.29
CA ASN C 104 30.96 -5.98 -0.48
C ASN C 104 31.97 -5.32 0.46
N SER C 105 33.11 -4.91 -0.11
CA SER C 105 34.18 -4.18 0.57
C SER C 105 34.72 -4.96 1.78
N LEU C 106 35.26 -6.13 1.50
CA LEU C 106 35.69 -7.04 2.55
C LEU C 106 36.95 -6.53 3.25
N LYS C 107 37.15 -7.01 4.47
CA LYS C 107 38.28 -6.72 5.32
C LYS C 107 38.82 -8.03 5.88
N PRO C 108 40.13 -8.13 6.13
CA PRO C 108 40.68 -9.34 6.76
C PRO C 108 40.26 -9.58 8.21
N GLU C 109 39.42 -8.72 8.82
CA GLU C 109 38.80 -9.05 10.09
C GLU C 109 37.53 -9.87 9.87
N ASP C 110 37.11 -10.11 8.64
CA ASP C 110 35.87 -10.84 8.44
C ASP C 110 36.08 -12.35 8.32
N THR C 111 37.32 -12.81 8.23
CA THR C 111 37.58 -14.24 8.05
C THR C 111 36.91 -15.09 9.13
N ALA C 112 35.84 -15.77 8.75
CA ALA C 112 34.98 -16.43 9.72
C ALA C 112 34.18 -17.51 9.02
N VAL C 113 33.63 -18.41 9.83
CA VAL C 113 32.63 -19.36 9.36
C VAL C 113 31.26 -18.69 9.49
N TYR C 114 30.52 -18.67 8.40
CA TYR C 114 29.24 -17.96 8.32
C TYR C 114 28.12 -18.98 8.46
N TYR C 115 27.54 -19.03 9.66
CA TYR C 115 26.45 -19.94 9.96
C TYR C 115 25.11 -19.34 9.59
N CYS C 116 24.14 -20.22 9.36
CA CYS C 116 22.82 -19.85 8.87
C CYS C 116 21.78 -20.51 9.78
N ALA C 117 20.79 -19.73 10.22
CA ALA C 117 19.87 -20.20 11.25
C ALA C 117 18.45 -19.82 10.90
N ILE C 118 17.51 -20.54 11.52
CA ILE C 118 16.09 -20.38 11.29
C ILE C 118 15.45 -19.93 12.60
N ASP C 119 14.70 -18.83 12.55
CA ASP C 119 13.92 -18.37 13.70
C ASP C 119 12.58 -19.10 13.68
N SER C 120 12.37 -19.99 14.66
CA SER C 120 11.15 -20.80 14.70
C SER C 120 9.94 -19.97 15.06
N ASP C 121 10.12 -18.93 15.88
CA ASP C 121 9.00 -18.09 16.29
C ASP C 121 8.58 -17.16 15.16
N THR C 122 7.28 -17.12 14.87
CA THR C 122 6.77 -16.22 13.85
C THR C 122 6.72 -14.78 14.35
N PHE C 123 6.74 -14.57 15.66
CA PHE C 123 6.79 -13.25 16.25
C PHE C 123 8.22 -12.74 16.46
N TYR C 124 9.20 -13.43 15.89
CA TYR C 124 10.62 -13.03 15.86
C TYR C 124 11.22 -12.92 17.27
N SER C 125 10.87 -13.86 18.14
CA SER C 125 11.44 -13.87 19.49
C SER C 125 12.91 -14.24 19.47
N GLY C 126 13.35 -15.03 18.49
CA GLY C 126 14.75 -15.36 18.36
C GLY C 126 15.08 -16.80 18.70
N SER C 127 14.18 -17.72 18.37
CA SER C 127 14.38 -19.14 18.65
C SER C 127 15.24 -19.73 17.54
N TYR C 128 16.55 -19.77 17.77
CA TYR C 128 17.51 -20.28 16.80
C TYR C 128 17.85 -21.71 17.17
N ASP C 129 17.31 -22.67 16.41
CA ASP C 129 17.55 -24.09 16.64
C ASP C 129 18.06 -24.82 15.42
N TYR C 130 17.61 -24.44 14.22
CA TYR C 130 18.02 -25.10 12.98
C TYR C 130 19.30 -24.44 12.47
N TRP C 131 20.42 -24.85 13.07
CA TRP C 131 21.72 -24.34 12.66
C TRP C 131 22.22 -25.10 11.43
N GLY C 132 23.41 -24.71 10.96
CA GLY C 132 24.04 -25.38 9.85
C GLY C 132 25.53 -25.50 10.07
N GLN C 133 26.18 -26.26 9.17
CA GLN C 133 27.63 -26.40 9.26
C GLN C 133 28.34 -25.12 8.85
N GLY C 134 27.80 -24.40 7.87
CA GLY C 134 28.35 -23.13 7.46
C GLY C 134 29.51 -23.26 6.51
N THR C 135 29.84 -22.14 5.86
CA THR C 135 30.96 -22.06 4.94
C THR C 135 31.98 -21.07 5.47
N GLN C 136 33.26 -21.33 5.17
CA GLN C 136 34.35 -20.48 5.62
C GLN C 136 34.63 -19.41 4.58
N VAL C 137 34.63 -18.14 5.01
CA VAL C 137 35.00 -17.02 4.17
C VAL C 137 36.26 -16.43 4.74
N THR C 138 37.35 -16.46 3.96
CA THR C 138 38.63 -15.95 4.42
C THR C 138 39.15 -14.93 3.41
N VAL C 139 39.99 -14.02 3.90
CA VAL C 139 40.55 -12.94 3.12
C VAL C 139 42.06 -13.14 3.03
N SER C 140 42.58 -13.15 1.80
CA SER C 140 44.00 -13.33 1.47
C SER C 140 44.60 -14.60 2.07
N ASP D 21 -19.62 -4.04 11.58
CA ASP D 21 -19.75 -5.15 10.65
C ASP D 21 -18.92 -4.93 9.40
N ILE D 22 -18.28 -3.76 9.31
CA ILE D 22 -17.29 -3.48 8.28
C ILE D 22 -15.95 -3.37 8.97
N GLN D 23 -15.04 -4.29 8.65
CA GLN D 23 -13.77 -4.42 9.34
C GLN D 23 -12.65 -3.90 8.45
N MET D 24 -11.85 -2.98 9.00
CA MET D 24 -10.64 -2.50 8.33
C MET D 24 -9.44 -3.24 8.88
N THR D 25 -8.64 -3.80 7.97
CA THR D 25 -7.51 -4.67 8.32
C THR D 25 -6.23 -3.96 7.92
N GLN D 26 -5.67 -3.19 8.85
CA GLN D 26 -4.38 -2.56 8.63
C GLN D 26 -3.31 -3.64 8.73
N SER D 27 -2.64 -3.91 7.60
CA SER D 27 -1.77 -5.09 7.54
C SER D 27 -0.45 -4.92 8.30
N PRO D 28 0.37 -3.83 8.13
CA PRO D 28 1.59 -3.77 8.97
C PRO D 28 1.27 -3.30 10.38
N SER D 29 1.47 -4.19 11.35
CA SER D 29 1.27 -3.82 12.74
C SER D 29 2.40 -2.98 13.29
N SER D 30 3.58 -3.06 12.68
CA SER D 30 4.74 -2.28 13.10
C SER D 30 5.63 -2.06 11.90
N LEU D 31 6.30 -0.90 11.87
CA LEU D 31 7.13 -0.52 10.75
C LEU D 31 8.40 0.14 11.27
N SER D 32 9.53 -0.20 10.65
CA SER D 32 10.82 0.37 11.02
C SER D 32 11.47 0.92 9.76
N ALA D 33 11.83 2.21 9.80
CA ALA D 33 12.44 2.87 8.66
C ALA D 33 13.26 4.05 9.17
N SER D 34 14.16 4.51 8.32
CA SER D 34 15.04 5.64 8.64
C SER D 34 14.53 6.90 7.93
N VAL D 35 15.22 8.01 8.19
CA VAL D 35 14.85 9.29 7.59
C VAL D 35 15.23 9.27 6.11
N GLY D 36 14.26 9.60 5.26
CA GLY D 36 14.45 9.61 3.83
C GLY D 36 13.87 8.42 3.11
N ASP D 37 13.37 7.43 3.83
CA ASP D 37 12.76 6.27 3.21
C ASP D 37 11.37 6.60 2.67
N ARG D 38 10.86 5.71 1.81
CA ARG D 38 9.50 5.78 1.33
C ARG D 38 8.75 4.57 1.88
N VAL D 39 7.68 4.83 2.64
CA VAL D 39 6.96 3.75 3.31
C VAL D 39 5.51 3.74 2.82
N THR D 40 4.91 2.56 2.92
CA THR D 40 3.56 2.30 2.42
C THR D 40 2.82 1.47 3.45
N ILE D 41 1.68 1.98 3.90
CA ILE D 41 0.82 1.30 4.87
C ILE D 41 -0.48 0.96 4.17
N THR D 42 -0.88 -0.31 4.22
CA THR D 42 -2.05 -0.78 3.49
C THR D 42 -3.15 -1.18 4.47
N CYS D 43 -4.39 -0.89 4.08
CA CYS D 43 -5.58 -1.21 4.84
C CYS D 43 -6.59 -1.83 3.89
N ARG D 44 -7.43 -2.71 4.41
CA ARG D 44 -8.37 -3.45 3.57
C ARG D 44 -9.74 -3.46 4.24
N ALA D 45 -10.77 -3.10 3.48
CA ALA D 45 -12.13 -3.05 3.98
C ALA D 45 -12.84 -4.37 3.74
N SER D 46 -13.77 -4.71 4.64
CA SER D 46 -14.52 -5.95 4.51
C SER D 46 -15.51 -5.89 3.35
N GLN D 47 -16.29 -4.82 3.27
CA GLN D 47 -17.17 -4.57 2.15
C GLN D 47 -16.59 -3.45 1.30
N SER D 48 -17.33 -3.03 0.28
CA SER D 48 -17.04 -1.79 -0.40
C SER D 48 -17.51 -0.63 0.47
N VAL D 49 -16.64 0.35 0.67
CA VAL D 49 -16.98 1.55 1.42
C VAL D 49 -16.84 2.79 0.55
N SER D 50 -16.90 2.61 -0.78
CA SER D 50 -16.64 3.61 -1.81
C SER D 50 -15.23 4.16 -1.58
N SER D 51 -15.02 5.46 -1.64
CA SER D 51 -13.74 6.06 -1.30
C SER D 51 -13.78 6.75 0.05
N ALA D 52 -14.69 6.34 0.93
CA ALA D 52 -14.85 6.96 2.24
C ALA D 52 -13.87 6.31 3.23
N VAL D 53 -12.60 6.67 3.08
CA VAL D 53 -11.52 6.18 3.95
C VAL D 53 -10.62 7.36 4.30
N ALA D 54 -10.35 7.53 5.58
CA ALA D 54 -9.47 8.56 6.09
C ALA D 54 -8.25 7.93 6.77
N TRP D 55 -7.17 8.71 6.82
CA TRP D 55 -5.92 8.30 7.42
C TRP D 55 -5.51 9.36 8.44
N TYR D 56 -5.24 8.91 9.67
CA TYR D 56 -4.94 9.77 10.81
C TYR D 56 -3.56 9.44 11.37
N GLN D 57 -2.93 10.46 11.95
CA GLN D 57 -1.64 10.32 12.62
C GLN D 57 -1.78 10.73 14.07
N GLN D 58 -1.33 9.87 14.98
CA GLN D 58 -1.34 10.15 16.40
C GLN D 58 0.06 9.98 16.97
N LYS D 59 0.60 11.07 17.53
CA LYS D 59 1.80 11.05 18.35
C LYS D 59 1.44 10.58 19.76
N PRO D 60 2.39 9.98 20.49
CA PRO D 60 2.06 9.48 21.84
C PRO D 60 1.75 10.61 22.81
N GLY D 61 0.60 10.49 23.48
CA GLY D 61 0.17 11.50 24.42
C GLY D 61 -0.59 12.66 23.80
N LYS D 62 -1.18 12.48 22.63
CA LYS D 62 -1.86 13.57 21.95
C LYS D 62 -2.99 13.03 21.11
N ALA D 63 -3.89 13.94 20.71
CA ALA D 63 -5.04 13.57 19.89
C ALA D 63 -4.60 13.25 18.47
N PRO D 64 -5.35 12.41 17.75
CA PRO D 64 -5.02 12.15 16.34
C PRO D 64 -5.24 13.37 15.47
N LYS D 65 -4.47 13.44 14.38
CA LYS D 65 -4.55 14.51 13.41
C LYS D 65 -4.92 13.92 12.06
N LEU D 66 -5.88 14.54 11.38
CA LEU D 66 -6.31 14.05 10.07
C LEU D 66 -5.25 14.33 9.03
N LEU D 67 -4.80 13.28 8.34
CA LEU D 67 -3.86 13.42 7.24
C LEU D 67 -4.57 13.36 5.89
N ILE D 68 -5.29 12.27 5.63
CA ILE D 68 -5.89 12.01 4.32
C ILE D 68 -7.39 11.83 4.50
N TYR D 69 -8.17 12.54 3.69
CA TYR D 69 -9.61 12.31 3.63
C TYR D 69 -10.01 11.95 2.21
N SER D 70 -11.11 11.19 2.10
CA SER D 70 -11.68 10.69 0.83
C SER D 70 -10.68 9.82 0.05
N ALA D 71 -9.76 9.19 0.77
CA ALA D 71 -8.83 8.14 0.35
C ALA D 71 -7.72 8.62 -0.58
N SER D 72 -7.79 9.86 -1.06
CA SER D 72 -6.74 10.43 -1.87
C SER D 72 -6.38 11.87 -1.53
N SER D 73 -7.31 12.65 -0.97
CA SER D 73 -7.12 14.09 -0.83
C SER D 73 -6.42 14.38 0.49
N LEU D 74 -5.21 14.93 0.41
CA LEU D 74 -4.47 15.30 1.60
C LEU D 74 -5.08 16.56 2.23
N TYR D 75 -5.08 16.58 3.57
CA TYR D 75 -5.75 17.63 4.33
C TYR D 75 -5.01 18.96 4.20
N SER D 76 -5.76 20.05 4.34
CA SER D 76 -5.21 21.39 4.26
C SER D 76 -4.44 21.69 5.55
N GLY D 77 -3.12 21.57 5.49
CA GLY D 77 -2.28 21.85 6.64
C GLY D 77 -1.16 20.85 6.81
N VAL D 78 -1.39 19.60 6.42
CA VAL D 78 -0.37 18.57 6.52
C VAL D 78 0.60 18.76 5.35
N PRO D 79 1.85 18.31 5.47
CA PRO D 79 2.78 18.42 4.34
C PRO D 79 2.40 17.50 3.19
N SER D 80 3.00 17.77 2.03
CA SER D 80 2.64 17.10 0.79
C SER D 80 3.34 15.76 0.59
N ARG D 81 4.15 15.32 1.55
CA ARG D 81 4.80 14.02 1.43
C ARG D 81 3.83 12.87 1.68
N PHE D 82 2.66 13.14 2.26
CA PHE D 82 1.65 12.13 2.50
C PHE D 82 0.72 12.02 1.30
N SER D 83 0.41 10.79 0.90
CA SER D 83 -0.48 10.56 -0.23
C SER D 83 -1.33 9.33 0.07
N GLY D 84 -2.46 9.22 -0.65
CA GLY D 84 -3.34 8.09 -0.50
C GLY D 84 -3.79 7.58 -1.84
N SER D 85 -4.18 6.30 -1.85
CA SER D 85 -4.62 5.66 -3.08
C SER D 85 -5.65 4.59 -2.76
N ARG D 86 -6.52 4.30 -3.72
CA ARG D 86 -7.55 3.28 -3.61
C ARG D 86 -7.49 2.36 -4.81
N SER D 87 -7.51 1.05 -4.56
CA SER D 87 -7.62 0.01 -5.58
C SER D 87 -8.66 -0.99 -5.10
N GLY D 88 -9.89 -0.83 -5.59
CA GLY D 88 -10.99 -1.67 -5.14
C GLY D 88 -11.37 -1.37 -3.71
N THR D 89 -11.13 -2.33 -2.81
CA THR D 89 -11.28 -2.11 -1.38
C THR D 89 -9.93 -2.08 -0.66
N ASP D 90 -8.84 -1.87 -1.39
CA ASP D 90 -7.51 -1.81 -0.81
C ASP D 90 -7.05 -0.35 -0.80
N PHE D 91 -6.77 0.18 0.37
CA PHE D 91 -6.42 1.58 0.54
C PHE D 91 -4.98 1.68 1.01
N THR D 92 -4.26 2.69 0.53
CA THR D 92 -2.83 2.77 0.74
C THR D 92 -2.44 4.19 1.12
N LEU D 93 -1.70 4.33 2.22
CA LEU D 93 -1.09 5.59 2.62
C LEU D 93 0.40 5.50 2.35
N THR D 94 0.93 6.47 1.62
CA THR D 94 2.33 6.48 1.21
C THR D 94 3.00 7.74 1.74
N ILE D 95 4.12 7.55 2.44
CA ILE D 95 4.99 8.65 2.83
C ILE D 95 6.24 8.56 1.96
N SER D 96 6.44 9.58 1.12
CA SER D 96 7.52 9.52 0.13
C SER D 96 8.88 9.75 0.78
N SER D 97 8.97 10.71 1.70
CA SER D 97 10.22 11.02 2.39
C SER D 97 9.94 11.07 3.88
N LEU D 98 10.61 10.21 4.63
CA LEU D 98 10.45 10.21 6.08
C LEU D 98 11.12 11.44 6.69
N GLN D 99 10.67 11.79 7.90
CA GLN D 99 11.24 12.92 8.61
C GLN D 99 11.18 12.53 10.07
N PRO D 100 11.97 13.20 10.92
CA PRO D 100 11.93 12.91 12.35
C PRO D 100 10.50 13.04 12.89
N GLU D 101 9.74 13.99 12.35
CA GLU D 101 8.38 14.20 12.80
C GLU D 101 7.43 13.10 12.34
N ASP D 102 7.76 12.45 11.24
CA ASP D 102 6.88 11.43 10.68
C ASP D 102 6.60 10.29 11.66
N PHE D 103 7.64 9.79 12.32
CA PHE D 103 7.46 8.65 13.21
C PHE D 103 6.27 8.85 14.14
N ALA D 104 5.27 7.98 14.04
CA ALA D 104 4.08 8.09 14.88
C ALA D 104 3.17 6.90 14.61
N THR D 105 1.94 6.92 15.13
CA THR D 105 1.03 5.84 14.80
C THR D 105 0.05 6.32 13.73
N TYR D 106 -0.33 5.43 12.83
CA TYR D 106 -1.20 5.78 11.71
C TYR D 106 -2.42 4.86 11.69
N TYR D 107 -3.60 5.45 11.58
CA TYR D 107 -4.86 4.72 11.60
C TYR D 107 -5.62 4.90 10.30
N CYS D 108 -6.08 3.80 9.72
CA CYS D 108 -7.04 3.84 8.62
C CYS D 108 -8.44 3.72 9.19
N GLN D 109 -9.37 4.47 8.61
CA GLN D 109 -10.74 4.50 9.11
C GLN D 109 -11.71 4.55 7.95
N GLN D 110 -12.75 3.72 7.98
CA GLN D 110 -13.85 3.89 7.05
C GLN D 110 -14.98 4.63 7.75
N TYR D 111 -15.62 5.51 6.99
CA TYR D 111 -16.66 6.40 7.49
C TYR D 111 -17.85 6.41 6.53
N LEU D 112 -18.33 5.21 6.16
CA LEU D 112 -19.42 5.09 5.20
C LEU D 112 -20.73 5.67 5.72
N TYR D 113 -20.97 5.60 7.02
CA TYR D 113 -22.11 6.26 7.64
C TYR D 113 -21.68 6.72 9.03
N TYR D 114 -22.51 7.57 9.65
CA TYR D 114 -22.25 8.12 10.97
C TYR D 114 -22.13 7.04 12.03
N SER D 115 -22.93 5.99 11.93
CA SER D 115 -22.96 4.92 12.92
C SER D 115 -22.22 3.68 12.49
N LEU D 116 -21.40 3.76 11.43
CA LEU D 116 -20.68 2.59 10.93
C LEU D 116 -19.18 2.88 10.78
N VAL D 117 -18.66 3.87 11.49
CA VAL D 117 -17.25 4.21 11.37
C VAL D 117 -16.41 3.18 12.11
N THR D 118 -15.37 2.68 11.45
CA THR D 118 -14.45 1.76 12.11
C THR D 118 -13.03 2.12 11.77
N PHE D 119 -12.14 1.96 12.74
CA PHE D 119 -10.72 2.25 12.61
C PHE D 119 -9.93 0.98 12.35
N GLY D 120 -8.71 1.17 11.86
CA GLY D 120 -7.77 0.07 11.74
C GLY D 120 -7.06 -0.21 13.07
N GLN D 121 -6.22 -1.25 13.04
CA GLN D 121 -5.52 -1.65 14.25
C GLN D 121 -4.38 -0.70 14.61
N GLY D 122 -3.87 0.06 13.66
CA GLY D 122 -2.78 0.97 13.89
C GLY D 122 -1.48 0.45 13.32
N THR D 123 -0.55 1.38 13.09
CA THR D 123 0.76 1.05 12.53
C THR D 123 1.77 2.00 13.14
N LYS D 124 2.64 1.50 14.01
CA LYS D 124 3.65 2.31 14.66
C LYS D 124 4.90 2.33 13.78
N VAL D 125 5.28 3.53 13.33
CA VAL D 125 6.47 3.71 12.52
C VAL D 125 7.62 4.06 13.46
N GLU D 126 8.65 3.22 13.47
CA GLU D 126 9.79 3.34 14.36
C GLU D 126 11.03 3.77 13.57
N ILE D 127 12.16 3.81 14.26
CA ILE D 127 13.44 4.22 13.67
C ILE D 127 14.27 2.98 13.39
N LYS D 128 14.74 2.85 12.16
CA LYS D 128 15.59 1.72 11.80
C LYS D 128 16.97 1.87 12.45
N ARG D 129 17.48 0.75 12.97
CA ARG D 129 18.71 0.77 13.75
C ARG D 129 19.42 -0.56 13.54
N THR D 130 20.73 -0.56 13.76
CA THR D 130 21.51 -1.79 13.76
C THR D 130 21.16 -2.61 15.00
N VAL D 131 21.26 -3.93 14.86
CA VAL D 131 20.80 -4.85 15.90
C VAL D 131 21.78 -4.84 17.06
N ALA D 132 21.26 -4.62 18.27
CA ALA D 132 22.03 -4.70 19.50
C ALA D 132 21.38 -5.74 20.40
N ALA D 133 22.21 -6.60 20.99
CA ALA D 133 21.74 -7.63 21.90
C ALA D 133 21.52 -7.05 23.29
N PRO D 134 20.53 -7.57 24.04
CA PRO D 134 20.27 -7.03 25.38
C PRO D 134 21.33 -7.43 26.38
N SER D 135 21.57 -6.53 27.33
CA SER D 135 22.40 -6.81 28.51
C SER D 135 21.46 -7.21 29.64
N VAL D 136 21.63 -8.40 30.18
CA VAL D 136 20.63 -9.01 31.06
C VAL D 136 21.16 -9.02 32.47
N PHE D 137 20.43 -8.37 33.38
CA PHE D 137 20.75 -8.36 34.80
C PHE D 137 19.60 -8.99 35.56
N ILE D 138 19.91 -9.63 36.69
CA ILE D 138 18.90 -10.25 37.54
C ILE D 138 19.01 -9.64 38.94
N PHE D 139 17.87 -9.22 39.49
CA PHE D 139 17.78 -8.60 40.79
C PHE D 139 16.93 -9.48 41.70
N PRO D 140 17.51 -10.05 42.76
CA PRO D 140 16.73 -10.82 43.72
C PRO D 140 15.88 -9.91 44.59
N PRO D 141 14.84 -10.43 45.24
CA PRO D 141 14.08 -9.59 46.17
C PRO D 141 14.89 -9.20 47.39
N SER D 142 14.60 -7.99 47.88
CA SER D 142 15.34 -7.45 49.01
C SER D 142 14.85 -8.05 50.33
N ASP D 143 15.61 -7.76 51.40
CA ASP D 143 15.20 -8.22 52.72
C ASP D 143 14.01 -7.44 53.26
N SER D 144 13.86 -6.18 52.84
CA SER D 144 12.72 -5.39 53.29
C SER D 144 11.42 -5.88 52.65
N GLN D 145 11.48 -6.34 51.41
CA GLN D 145 10.29 -6.85 50.74
C GLN D 145 9.89 -8.22 51.24
N LEU D 146 10.87 -9.01 51.74
CA LEU D 146 10.57 -10.36 52.21
C LEU D 146 9.79 -10.34 53.52
N LYS D 147 9.91 -9.27 54.31
CA LYS D 147 9.14 -9.16 55.54
C LYS D 147 7.66 -8.88 55.29
N SER D 148 7.32 -8.39 54.10
CA SER D 148 5.92 -8.13 53.76
C SER D 148 5.19 -9.38 53.26
N GLY D 149 5.88 -10.50 53.10
CA GLY D 149 5.24 -11.72 52.66
C GLY D 149 5.13 -11.90 51.17
N THR D 150 5.88 -11.14 50.39
CA THR D 150 5.79 -11.21 48.93
C THR D 150 7.17 -10.93 48.35
N ALA D 151 7.63 -11.80 47.46
CA ALA D 151 8.94 -11.68 46.84
C ALA D 151 8.77 -11.46 45.34
N SER D 152 9.43 -10.42 44.81
CA SER D 152 9.44 -10.14 43.39
C SER D 152 10.87 -10.17 42.87
N VAL D 153 11.10 -10.95 41.83
CA VAL D 153 12.39 -11.09 41.17
C VAL D 153 12.34 -10.32 39.87
N VAL D 154 13.36 -9.51 39.59
CA VAL D 154 13.37 -8.65 38.41
C VAL D 154 14.45 -9.13 37.45
N CYS D 155 14.10 -9.20 36.16
CA CYS D 155 15.07 -9.46 35.10
C CYS D 155 15.03 -8.27 34.16
N LEU D 156 16.16 -7.59 34.01
CA LEU D 156 16.27 -6.38 33.22
C LEU D 156 17.03 -6.67 31.93
N LEU D 157 16.44 -6.31 30.79
CA LEU D 157 17.04 -6.44 29.47
C LEU D 157 17.34 -5.02 28.99
N ASN D 158 18.61 -4.69 28.90
CA ASN D 158 19.05 -3.31 28.71
C ASN D 158 19.56 -3.11 27.29
N ASN D 159 19.01 -2.09 26.61
CA ASN D 159 19.54 -1.50 25.38
C ASN D 159 19.62 -2.52 24.24
N PHE D 160 18.45 -2.97 23.82
CA PHE D 160 18.36 -3.92 22.72
C PHE D 160 17.51 -3.38 21.58
N TYR D 161 17.86 -3.79 20.36
CA TYR D 161 17.10 -3.53 19.15
C TYR D 161 17.18 -4.79 18.31
N PRO D 162 16.06 -5.24 17.72
CA PRO D 162 14.70 -4.68 17.73
C PRO D 162 13.90 -4.98 19.00
N ARG D 163 12.59 -4.71 18.98
CA ARG D 163 11.79 -4.84 20.19
C ARG D 163 11.55 -6.29 20.57
N GLU D 164 11.46 -7.18 19.58
CA GLU D 164 10.99 -8.55 19.80
C GLU D 164 12.06 -9.38 20.49
N ALA D 165 11.91 -9.55 21.80
CA ALA D 165 12.73 -10.46 22.59
C ALA D 165 11.82 -11.14 23.60
N LYS D 166 12.17 -12.38 23.99
CA LYS D 166 11.34 -13.11 24.93
C LYS D 166 12.14 -13.46 26.19
N VAL D 167 11.43 -13.44 27.32
CA VAL D 167 11.97 -13.78 28.62
C VAL D 167 11.16 -14.94 29.18
N GLN D 168 11.84 -15.94 29.73
CA GLN D 168 11.16 -17.01 30.43
C GLN D 168 11.85 -17.23 31.78
N TRP D 169 11.06 -17.65 32.76
CA TRP D 169 11.54 -17.85 34.11
C TRP D 169 11.61 -19.35 34.40
N LYS D 170 12.76 -19.82 34.84
CA LYS D 170 13.00 -21.23 35.09
C LYS D 170 13.34 -21.39 36.58
N VAL D 171 12.32 -21.56 37.39
CA VAL D 171 12.50 -21.80 38.82
C VAL D 171 12.63 -23.30 39.04
N ASP D 172 13.81 -23.71 39.55
CA ASP D 172 14.20 -25.12 39.73
C ASP D 172 14.06 -25.90 38.43
N ASN D 173 14.53 -25.29 37.33
CA ASN D 173 14.50 -25.83 35.96
C ASN D 173 13.08 -26.16 35.49
N ALA D 174 12.10 -25.43 36.00
CA ALA D 174 10.70 -25.60 35.60
C ALA D 174 10.16 -24.24 35.17
N LEU D 175 9.52 -24.20 34.02
CA LEU D 175 9.03 -22.95 33.48
C LEU D 175 7.81 -22.45 34.25
N GLN D 176 7.59 -21.15 34.21
CA GLN D 176 6.48 -20.50 34.88
C GLN D 176 5.58 -19.83 33.84
N SER D 177 4.33 -19.58 34.24
CA SER D 177 3.36 -18.94 33.37
C SER D 177 2.32 -18.23 34.22
N GLY D 178 1.97 -17.01 33.83
CA GLY D 178 0.93 -16.26 34.50
C GLY D 178 1.37 -15.53 35.77
N ASN D 179 2.64 -15.62 36.15
CA ASN D 179 3.13 -14.94 37.34
C ASN D 179 4.20 -13.90 37.03
N SER D 180 4.41 -13.58 35.76
CA SER D 180 5.42 -12.61 35.34
C SER D 180 4.76 -11.49 34.54
N GLN D 181 5.17 -10.26 34.82
CA GLN D 181 4.65 -9.08 34.12
C GLN D 181 5.82 -8.33 33.49
N GLU D 182 5.65 -7.96 32.22
CA GLU D 182 6.70 -7.31 31.45
C GLU D 182 6.27 -5.89 31.08
N SER D 183 7.18 -4.94 31.25
CA SER D 183 6.97 -3.56 30.86
C SER D 183 8.16 -3.09 30.05
N VAL D 184 7.89 -2.49 28.88
CA VAL D 184 8.93 -2.12 27.93
C VAL D 184 8.98 -0.60 27.83
N THR D 185 10.18 -0.05 28.01
CA THR D 185 10.41 1.35 27.68
C THR D 185 10.36 1.51 26.17
N GLU D 186 9.76 2.62 25.71
CA GLU D 186 9.72 2.91 24.28
C GLU D 186 11.10 3.37 23.79
N GLN D 187 11.17 3.73 22.51
CA GLN D 187 12.44 3.99 21.84
C GLN D 187 13.13 5.22 22.40
N ASP D 188 14.42 5.08 22.69
CA ASP D 188 15.19 6.10 23.37
C ASP D 188 15.46 7.29 22.44
N SER D 189 15.73 8.43 23.06
CA SER D 189 16.04 9.62 22.28
C SER D 189 17.44 9.56 21.67
N LYS D 190 18.41 9.06 22.43
CA LYS D 190 19.80 9.12 21.99
C LYS D 190 20.14 7.99 21.04
N ASP D 191 20.05 6.74 21.52
CA ASP D 191 20.49 5.58 20.75
C ASP D 191 19.34 4.79 20.15
N SER D 192 18.09 5.11 20.50
CA SER D 192 16.87 4.49 19.97
C SER D 192 16.84 2.98 20.21
N THR D 193 17.13 2.59 21.45
CA THR D 193 17.10 1.19 21.87
C THR D 193 16.10 1.02 23.00
N TYR D 194 15.39 -0.10 22.99
CA TYR D 194 14.38 -0.38 24.00
C TYR D 194 15.01 -0.90 25.28
N SER D 195 14.18 -1.10 26.30
CA SER D 195 14.58 -1.75 27.54
C SER D 195 13.37 -2.44 28.12
N LEU D 196 13.58 -3.62 28.68
CA LEU D 196 12.49 -4.46 29.16
C LEU D 196 12.75 -4.87 30.60
N SER D 197 11.68 -5.08 31.35
CA SER D 197 11.78 -5.48 32.75
C SER D 197 10.69 -6.51 33.02
N SER D 198 11.09 -7.75 33.25
CA SER D 198 10.17 -8.83 33.58
C SER D 198 10.23 -9.08 35.09
N THR D 199 9.11 -8.89 35.77
CA THR D 199 9.03 -9.07 37.20
C THR D 199 8.15 -10.26 37.52
N LEU D 200 8.69 -11.19 38.32
CA LEU D 200 7.98 -12.38 38.76
C LEU D 200 7.61 -12.23 40.23
N THR D 201 6.33 -12.42 40.55
CA THR D 201 5.80 -12.19 41.89
C THR D 201 5.32 -13.49 42.50
N LEU D 202 5.84 -13.82 43.68
CA LEU D 202 5.41 -14.97 44.46
C LEU D 202 5.18 -14.54 45.91
N SER D 203 4.57 -15.44 46.67
CA SER D 203 4.39 -15.22 48.10
C SER D 203 5.67 -15.57 48.85
N LYS D 204 5.62 -15.44 50.18
CA LYS D 204 6.80 -15.74 51.00
C LYS D 204 7.07 -17.24 51.04
N ALA D 205 6.02 -18.05 51.22
CA ALA D 205 6.20 -19.50 51.29
C ALA D 205 6.57 -20.09 49.94
N ASP D 206 6.10 -19.49 48.85
CA ASP D 206 6.47 -19.97 47.52
C ASP D 206 7.92 -19.61 47.18
N TYR D 207 8.42 -18.50 47.72
CA TYR D 207 9.79 -18.07 47.42
C TYR D 207 10.82 -18.93 48.14
N GLU D 208 10.57 -19.26 49.40
CA GLU D 208 11.56 -19.99 50.20
C GLU D 208 11.56 -21.50 49.93
N LYS D 209 10.63 -22.00 49.12
CA LYS D 209 10.56 -23.42 48.79
C LYS D 209 11.41 -23.78 47.57
N HIS D 210 12.15 -22.84 47.01
CA HIS D 210 12.95 -23.08 45.82
C HIS D 210 14.36 -22.53 46.03
N LYS D 211 15.29 -23.05 45.24
CA LYS D 211 16.70 -22.69 45.34
C LYS D 211 17.21 -21.92 44.13
N VAL D 212 17.06 -22.47 42.93
CA VAL D 212 17.59 -21.86 41.72
C VAL D 212 16.53 -20.92 41.16
N TYR D 213 16.89 -19.66 40.94
CA TYR D 213 16.04 -18.71 40.24
C TYR D 213 16.78 -18.15 39.05
N ALA D 214 16.20 -18.29 37.86
CA ALA D 214 16.88 -17.90 36.64
C ALA D 214 15.90 -17.21 35.72
N CYS D 215 16.40 -16.26 34.94
CA CYS D 215 15.69 -15.72 33.79
C CYS D 215 16.52 -15.97 32.55
N GLU D 216 15.89 -16.60 31.55
CA GLU D 216 16.53 -16.90 30.29
C GLU D 216 15.87 -16.09 29.19
N VAL D 217 16.67 -15.34 28.44
CA VAL D 217 16.15 -14.50 27.37
C VAL D 217 16.62 -15.05 26.03
N THR D 218 15.83 -14.79 25.00
CA THR D 218 16.25 -14.97 23.62
C THR D 218 15.94 -13.71 22.84
N HIS D 219 16.88 -13.32 21.99
CA HIS D 219 16.73 -12.18 21.09
C HIS D 219 17.28 -12.60 19.74
N GLN D 220 16.84 -11.87 18.70
CA GLN D 220 17.33 -12.17 17.34
C GLN D 220 18.81 -11.85 17.20
N GLY D 221 19.33 -10.93 18.00
CA GLY D 221 20.75 -10.62 18.03
C GLY D 221 21.58 -11.51 18.92
N LEU D 222 21.00 -12.56 19.48
CA LEU D 222 21.70 -13.48 20.36
C LEU D 222 21.73 -14.86 19.70
N SER D 223 22.92 -15.45 19.61
CA SER D 223 23.05 -16.79 19.06
C SER D 223 22.50 -17.84 20.02
N SER D 224 22.83 -17.73 21.29
CA SER D 224 22.38 -18.63 22.34
C SER D 224 21.54 -17.86 23.35
N PRO D 225 20.56 -18.50 23.98
CA PRO D 225 19.79 -17.84 25.04
C PRO D 225 20.68 -17.48 26.23
N VAL D 226 20.41 -16.32 26.81
CA VAL D 226 21.22 -15.79 27.91
C VAL D 226 20.47 -16.01 29.22
N THR D 227 21.06 -16.82 30.10
CA THR D 227 20.44 -17.16 31.37
C THR D 227 21.22 -16.49 32.51
N LYS D 228 20.53 -15.68 33.30
CA LYS D 228 21.10 -15.08 34.49
C LYS D 228 20.37 -15.61 35.71
N SER D 229 21.13 -16.11 36.69
CA SER D 229 20.55 -16.90 37.77
C SER D 229 21.18 -16.52 39.11
N PHE D 230 20.51 -16.95 40.17
CA PHE D 230 21.04 -16.86 41.53
C PHE D 230 20.45 -17.99 42.36
N ASN D 231 20.99 -18.14 43.57
CA ASN D 231 20.70 -19.28 44.44
C ASN D 231 20.38 -18.79 45.84
N ARG D 232 19.10 -18.73 46.18
CA ARG D 232 18.67 -18.41 47.54
C ARG D 232 17.28 -18.98 47.81
C1 CLR E . -1.46 16.51 -46.37
C2 CLR E . -2.33 17.42 -45.53
C3 CLR E . -1.73 17.65 -44.15
C4 CLR E . -0.32 18.21 -44.29
C5 CLR E . 0.55 17.33 -45.17
C6 CLR E . 1.78 17.00 -44.78
C7 CLR E . 2.75 16.23 -45.61
C8 CLR E . 2.34 16.12 -47.08
C9 CLR E . 0.83 15.85 -47.20
C10 CLR E . 0.00 16.99 -46.54
C11 CLR E . 0.41 15.55 -48.64
C12 CLR E . 1.25 14.45 -49.27
C13 CLR E . 2.76 14.75 -49.26
C14 CLR E . 3.13 15.03 -47.79
C15 CLR E . 4.64 15.10 -47.79
C16 CLR E . 5.03 13.99 -48.77
C17 CLR E . 3.75 13.60 -49.59
C18 CLR E . 3.06 15.95 -50.18
C19 CLR E . 0.02 18.26 -47.40
C20 CLR E . 4.11 13.23 -51.04
C21 CLR E . 3.00 12.57 -51.85
C22 CLR E . 5.35 12.31 -51.09
C23 CLR E . 5.83 11.93 -52.47
C24 CLR E . 6.96 10.89 -52.41
C25 CLR E . 7.64 10.61 -53.76
C26 CLR E . 8.69 9.52 -53.59
C27 CLR E . 6.64 10.24 -54.85
O1 CLR E . -2.58 18.51 -43.42
C1 EBX F . -12.72 8.96 -33.57
C2 EBX F . -12.85 9.13 -34.97
C3 EBX F . -12.69 8.03 -35.80
C4 EBX F . -12.40 6.78 -35.25
C5 EBX F . -12.28 6.71 -33.88
C6 EBX F . -13.01 9.96 -32.47
C7 EBX F . -14.86 11.46 -33.52
C8 EBX F . -13.58 12.03 -31.55
C11 EBX F . -14.75 6.44 -39.40
C10 EBX F . -13.81 7.57 -39.42
C12 EBX F . -14.52 6.34 -37.92
C13 EBX F . -13.74 8.28 -41.76
C14 EBX F . -14.19 9.59 -42.23
C15 EBX F . -12.62 7.68 -42.62
C16 EBX F . -11.32 8.46 -42.53
C17 EBX F . -14.63 11.08 -43.79
C18 EBX F . -14.94 11.66 -42.63
C19 EBX F . -14.65 10.69 -41.61
C20 EBX F . -15.49 13.07 -42.41
C21 EBX F . -15.91 13.29 -40.97
C22 EBX F . -14.50 14.12 -42.84
C9 EBX F . -13.60 7.47 -38.02
N1 EBX F . -12.44 7.76 -33.05
N2 EBX F . -13.82 11.03 -32.58
N3 EBX F . -12.83 8.21 -37.19
N4 EBX F . -13.34 8.35 -40.37
O1 EBX F . -12.94 10.28 -35.69
O2 EBX F . -12.44 9.71 -31.43
O3 EBX F . -14.93 5.61 -37.03
O4 EBX F . -15.42 5.84 -40.22
O5 EBX F . -14.16 9.80 -43.59
C1 A1A1W G . 9.35 -3.21 -40.82
C10 A1A1W G . 10.62 -1.18 -43.45
C13 A1A1W G . 9.38 -1.51 -45.54
C14 A1A1W G . 9.94 -2.45 -46.58
C15 A1A1W G . 11.45 -2.36 -46.67
C17 A1A1W G . 11.21 -3.51 -48.82
C19 A1A1W G . 9.74 -3.15 -48.82
C2 A1A1W G . 8.84 -4.44 -40.44
C21 A1A1W G . 13.13 -4.06 -47.39
C22 A1A1W G . 14.52 -3.90 -48.09
C23 A1A1W G . 14.71 -5.00 -47.02
C24 A1A1W G . 13.36 -5.60 -47.49
C25 A1A1W G . 13.91 -4.12 -46.05
C26 A1A1W G . 8.83 -6.95 -40.55
C3 A1A1W G . 9.37 -5.62 -40.97
C4 A1A1W G . 10.41 -5.52 -41.88
C5 A1A1W G . 10.92 -4.28 -42.25
C6 A1A1W G . 10.40 -3.11 -41.72
C7 A1A1W G . 10.99 -1.75 -42.08
C8 A1A1W G . 11.22 -0.72 -40.98
C9 A1A1W G . 12.40 -1.43 -41.61
F27 A1A1W G . 9.28 -7.33 -39.36
F28 A1A1W G . 9.14 -7.92 -41.40
F29 A1A1W G . 7.50 -6.96 -40.45
N12 A1A1W G . 9.80 -1.92 -44.20
N16 A1A1W G . 11.91 -3.33 -47.68
O11 A1A1W G . 11.06 -0.11 -43.83
O18 A1A1W G . 11.72 -3.94 -49.83
O20 A1A1W G . 9.36 -2.17 -47.85
#